data_9VFU
#
_entry.id   9VFU
#
_cell.length_a   1.00
_cell.length_b   1.00
_cell.length_c   1.00
_cell.angle_alpha   90.00
_cell.angle_beta   90.00
_cell.angle_gamma   90.00
#
_symmetry.space_group_name_H-M   'P 1'
#
loop_
_entity.id
_entity.type
_entity.pdbx_description
1 polymer 'Genome polyprotein'
2 polymer 'Genome polyprotein'
3 polymer 'Genome polyprotein'
4 polymer 'Genome polyprotein'
5 polymer VH
6 polymer VL
7 non-polymer 'STEARIC ACID'
#
loop_
_entity_poly.entity_id
_entity_poly.type
_entity_poly.pdbx_seq_one_letter_code
_entity_poly.pdbx_strand_id
1 'polypeptide(L)'
;NDPITNAVESAVSALADTTISRVTAANTAASTHSLGTGRVPALQAAETGASSNSSDENLIETRCVMNRNGVNEASVEHFY
SRAGLVGVVEVKDSGTSLDGYTVWPIDVMGFVQQRRKLELSTYMRFDAEFTFVSNLNNSTTPGMLLQYMYVPPGAPKPDS
RKSYQWQTATNPSVFAKLSDPPPQVSVPFMSPATAYQWFYDGYPTFGEHKQATNLQYGQCPNNMMGHFAIRTVSESTTGK
NIHVRVYMRIKHVRAWVPRPLRSQAYMVKNYPTYSQTITNTATDRASITTTDYEGGVPASPQRTS
;
A
2 'polypeptide(L)'
;SPSVEACGYSDRVAQLTVGNSTITTQEAANIVLSYGEWPEYCPSTDATAVDKPTRPDVSVNRFYTLSTKSWKTESTGWYW
KFPDVLNDTGVFGQNAQFHYLYRSGFCMHVQCNASKFHQGALLVAAIPEFVIAASSPATKPNSQGLYPDFAHTNPGKDGQ
EFRDPYVLDAGIPLSQALIFPHQWINLRTNNCATIIMPYINALPFDSALNHSNFGLVVIPISPLKYCNGATTEVPITLTI
APLNSEFSGLRQAIKQ
;
B
3 'polypeptide(L)'
;GFPTELKPGTNQFLTTDDGTSPPILPGFEPTPLIHIPGEFTSLLDLCQVETILEVNNTTGTTGVSRLLIPVRAQNNVDQL
CASFQVDPGRNGPWQSTMVGQICRYYTQWSGSLKVTFMFTGSFMATGKMLIAYTPPGSAQPTTREAAMLGTHIVWDFGLQ
SSVTLVIPWISNTHFRAVKTGGVYDYYATGIVTIWYQTNFVVPPDTPTEANIIALGAAQKNFTLKLCKDTDEIQQTAEYQ
;
C
4 'polypeptide(L)' MGAQVSTQKSGSHETRNVATEGSTINFTNINYYKDSYAASASRQDFAQDPAKFTRPVLDAIREAAAPLQ D
5 'polypeptide(L)'
;QVQLQQSGAELVKPGASVKLSCKASGYTFTSYYMYWVKQRPGQGLEWIGEINPSNGGTNFNEKFKSKATLTVDKSSSTAY
MQLSSLTSEDSAVYYCTRYGNYAYWGQGTLVTVSA
;
E
6 'polypeptide(L)'
;DIQMTQSPASLSVSVGETVTITCRASENIYSNLAWYQQKQGKSPQLLVYAATNLADGVPSRFSGSGSGTQYSLKINSLQS
EDFGSYYCQHFWGTPWTFGGGTKLEIK
;
F
#
loop_
_chem_comp.id
_chem_comp.type
_chem_comp.name
_chem_comp.formula
STE non-polymer 'STEARIC ACID' 'C18 H36 O2'
#
# COMPACT_ATOMS: atom_id res chain seq x y z
N SER A 10 -44.60 -14.58 -19.64
CA SER A 10 -43.66 -14.51 -20.75
C SER A 10 -42.38 -13.81 -20.33
N ALA A 11 -41.96 -12.82 -21.12
CA ALA A 11 -40.78 -12.02 -20.79
C ALA A 11 -41.07 -10.88 -19.83
N VAL A 12 -42.35 -10.71 -19.43
CA VAL A 12 -42.68 -9.68 -18.46
C VAL A 12 -42.10 -10.03 -17.09
N SER A 13 -41.91 -11.31 -16.82
CA SER A 13 -41.26 -11.71 -15.57
C SER A 13 -39.79 -11.28 -15.57
N ALA A 14 -39.13 -11.37 -16.72
CA ALA A 14 -37.74 -10.93 -16.80
C ALA A 14 -37.63 -9.42 -16.63
N LEU A 15 -38.51 -8.67 -17.29
CA LEU A 15 -38.47 -7.22 -17.19
C LEU A 15 -38.80 -6.75 -15.78
N ALA A 16 -39.62 -7.49 -15.04
CA ALA A 16 -39.93 -7.11 -13.67
C ALA A 16 -38.71 -7.26 -12.77
N ASP A 17 -37.95 -8.34 -12.93
CA ASP A 17 -36.77 -8.58 -12.10
C ASP A 17 -35.51 -8.03 -12.75
N THR A 18 -35.55 -6.75 -13.12
CA THR A 18 -34.39 -6.07 -13.68
C THR A 18 -33.85 -4.95 -12.79
N THR A 19 -34.67 -4.39 -11.92
CA THR A 19 -34.19 -3.39 -10.98
C THR A 19 -33.25 -4.03 -9.97
N ILE A 20 -32.23 -3.26 -9.57
CA ILE A 20 -31.24 -3.77 -8.63
C ILE A 20 -31.90 -3.94 -7.27
N SER A 21 -32.01 -5.19 -6.82
CA SER A 21 -32.55 -5.48 -5.50
C SER A 21 -31.47 -5.25 -4.45
N ARG A 22 -31.83 -4.56 -3.38
CA ARG A 22 -30.86 -4.23 -2.34
C ARG A 22 -30.46 -5.48 -1.56
N VAL A 23 -29.15 -5.70 -1.46
CA VAL A 23 -28.58 -6.71 -0.58
C VAL A 23 -28.00 -5.98 0.63
N THR A 24 -28.39 -6.42 1.81
CA THR A 24 -28.10 -5.69 3.04
C THR A 24 -26.83 -6.20 3.70
N ALA A 25 -26.22 -5.33 4.51
CA ALA A 25 -25.05 -5.70 5.28
C ALA A 25 -25.44 -6.60 6.43
N ALA A 26 -24.43 -7.16 7.09
CA ALA A 26 -24.67 -8.17 8.12
C ALA A 26 -25.35 -7.57 9.33
N ASN A 27 -26.35 -8.27 9.84
CA ASN A 27 -27.02 -7.85 11.06
C ASN A 27 -26.11 -8.09 12.26
N THR A 28 -26.36 -7.33 13.31
CA THR A 28 -25.71 -7.54 14.59
C THR A 28 -26.68 -8.25 15.52
N ALA A 29 -26.21 -9.30 16.17
CA ALA A 29 -27.02 -10.03 17.13
C ALA A 29 -26.77 -9.50 18.54
N ALA A 30 -27.78 -9.57 19.37
CA ALA A 30 -27.66 -9.12 20.75
C ALA A 30 -26.76 -10.06 21.53
N SER A 31 -25.80 -9.51 22.25
CA SER A 31 -24.87 -10.29 23.03
C SER A 31 -24.95 -9.89 24.50
N THR A 32 -24.43 -10.77 25.35
CA THR A 32 -24.42 -10.57 26.78
C THR A 32 -23.01 -10.77 27.30
N HIS A 33 -22.83 -10.54 28.60
CA HIS A 33 -21.51 -10.71 29.19
C HIS A 33 -21.12 -12.18 29.21
N SER A 34 -19.83 -12.43 29.05
CA SER A 34 -19.27 -13.77 29.03
C SER A 34 -18.13 -13.82 30.04
N LEU A 35 -18.33 -14.56 31.12
CA LEU A 35 -17.32 -14.73 32.15
C LEU A 35 -16.98 -16.23 32.21
N GLY A 36 -15.87 -16.60 31.59
CA GLY A 36 -15.49 -18.00 31.60
C GLY A 36 -14.13 -18.19 30.98
N THR A 37 -13.71 -19.45 30.94
CA THR A 37 -12.42 -19.83 30.40
C THR A 37 -12.60 -20.67 29.14
N GLY A 38 -11.52 -20.76 28.36
CA GLY A 38 -11.51 -21.56 27.16
C GLY A 38 -12.24 -20.97 25.99
N ARG A 39 -12.91 -19.85 26.15
CA ARG A 39 -13.66 -19.20 25.08
C ARG A 39 -12.98 -17.86 24.84
N VAL A 40 -12.09 -17.82 23.85
CA VAL A 40 -11.28 -16.64 23.60
C VAL A 40 -11.53 -16.11 22.19
N PRO A 41 -12.67 -15.48 21.93
CA PRO A 41 -12.92 -14.94 20.59
C PRO A 41 -12.00 -13.79 20.21
N ALA A 42 -11.27 -13.22 21.15
CA ALA A 42 -10.42 -12.08 20.86
C ALA A 42 -8.97 -12.45 20.60
N LEU A 43 -8.51 -13.59 21.11
CA LEU A 43 -7.15 -14.03 20.86
C LEU A 43 -7.06 -14.65 19.47
N GLN A 44 -6.18 -14.11 18.64
CA GLN A 44 -6.03 -14.55 17.28
C GLN A 44 -4.59 -14.98 17.02
N ALA A 45 -4.31 -15.34 15.78
CA ALA A 45 -2.97 -15.69 15.32
C ALA A 45 -2.84 -15.12 13.91
N ALA A 46 -2.30 -13.92 13.82
CA ALA A 46 -2.13 -13.28 12.52
C ALA A 46 -1.08 -13.98 11.68
N GLU A 47 -0.20 -14.77 12.31
CA GLU A 47 0.80 -15.52 11.55
C GLU A 47 0.16 -16.50 10.60
N THR A 48 -1.05 -16.96 10.92
CA THR A 48 -1.74 -17.93 10.08
C THR A 48 -2.11 -17.37 8.71
N GLY A 49 -1.92 -16.08 8.48
CA GLY A 49 -2.37 -15.47 7.25
C GLY A 49 -3.86 -15.32 7.12
N ALA A 50 -4.61 -15.74 8.13
CA ALA A 50 -6.06 -15.58 8.14
C ALA A 50 -6.41 -14.33 8.92
N SER A 51 -7.32 -13.54 8.38
CA SER A 51 -7.78 -12.38 9.12
C SER A 51 -8.60 -12.82 10.33
N SER A 52 -8.81 -11.89 11.25
CA SER A 52 -9.50 -12.20 12.49
C SER A 52 -10.96 -12.52 12.23
N ASN A 53 -11.43 -13.61 12.83
CA ASN A 53 -12.84 -13.95 12.81
C ASN A 53 -13.59 -13.46 14.03
N SER A 54 -13.01 -12.53 14.77
CA SER A 54 -13.69 -11.98 15.93
C SER A 54 -14.86 -11.11 15.50
N SER A 55 -15.99 -11.28 16.18
CA SER A 55 -17.19 -10.51 15.92
C SER A 55 -17.44 -9.52 17.05
N ASP A 56 -18.13 -8.44 16.74
CA ASP A 56 -18.46 -7.46 17.77
C ASP A 56 -19.36 -8.06 18.83
N GLU A 57 -20.13 -9.09 18.49
CA GLU A 57 -20.96 -9.78 19.47
C GLU A 57 -20.15 -10.56 20.48
N ASN A 58 -18.84 -10.68 20.30
CA ASN A 58 -18.02 -11.42 21.23
C ASN A 58 -16.96 -10.57 21.91
N LEU A 59 -16.74 -9.34 21.44
CA LEU A 59 -15.86 -8.40 22.10
C LEU A 59 -16.59 -7.45 23.03
N ILE A 60 -17.82 -7.06 22.67
CA ILE A 60 -18.64 -6.17 23.49
C ILE A 60 -20.04 -6.75 23.57
N GLU A 61 -20.85 -6.17 24.45
CA GLU A 61 -22.26 -6.49 24.52
C GLU A 61 -23.00 -5.67 23.46
N THR A 62 -23.44 -6.34 22.42
CA THR A 62 -24.07 -5.69 21.29
C THR A 62 -25.58 -5.69 21.44
N ARG A 63 -26.21 -4.77 20.73
CA ARG A 63 -27.65 -4.80 20.55
C ARG A 63 -27.97 -5.51 19.24
N CYS A 64 -29.25 -5.85 19.07
CA CYS A 64 -29.71 -6.41 17.81
C CYS A 64 -29.98 -5.29 16.84
N VAL A 65 -29.23 -5.24 15.75
CA VAL A 65 -29.43 -4.27 14.68
C VAL A 65 -29.86 -5.04 13.44
N MET A 66 -31.04 -4.71 12.92
CA MET A 66 -31.49 -5.22 11.64
C MET A 66 -30.92 -4.31 10.58
N ASN A 67 -29.70 -4.62 10.17
CA ASN A 67 -28.94 -3.76 9.26
C ASN A 67 -29.61 -3.74 7.89
N ARG A 68 -30.00 -2.54 7.44
CA ARG A 68 -30.61 -2.37 6.13
C ARG A 68 -29.73 -1.54 5.20
N ASN A 69 -28.43 -1.47 5.47
CA ASN A 69 -27.50 -0.78 4.59
C ASN A 69 -27.19 -1.66 3.39
N GLY A 70 -27.24 -1.07 2.20
CA GLY A 70 -27.05 -1.83 0.97
C GLY A 70 -25.58 -1.95 0.59
N VAL A 71 -25.19 -3.15 0.17
CA VAL A 71 -23.82 -3.48 -0.15
C VAL A 71 -23.62 -3.67 -1.64
N ASN A 72 -24.60 -3.25 -2.46
CA ASN A 72 -24.52 -3.51 -3.90
C ASN A 72 -23.46 -2.66 -4.57
N GLU A 73 -23.33 -1.40 -4.16
CA GLU A 73 -22.45 -0.47 -4.84
C GLU A 73 -20.98 -0.85 -4.73
N ALA A 74 -20.63 -1.75 -3.83
CA ALA A 74 -19.26 -2.21 -3.68
C ALA A 74 -18.96 -3.41 -4.57
N SER A 75 -19.84 -3.73 -5.51
CA SER A 75 -19.57 -4.81 -6.44
C SER A 75 -18.46 -4.38 -7.41
N VAL A 76 -17.79 -5.37 -7.98
CA VAL A 76 -16.78 -5.10 -9.00
C VAL A 76 -17.40 -4.42 -10.20
N GLU A 77 -18.64 -4.80 -10.54
CA GLU A 77 -19.33 -4.17 -11.66
C GLU A 77 -19.55 -2.69 -11.39
N HIS A 78 -20.15 -2.37 -10.24
CA HIS A 78 -20.44 -0.98 -9.94
C HIS A 78 -19.17 -0.17 -9.70
N PHE A 79 -18.12 -0.82 -9.19
CA PHE A 79 -16.86 -0.12 -9.03
C PHE A 79 -16.26 0.25 -10.38
N TYR A 80 -16.34 -0.64 -11.36
CA TYR A 80 -15.65 -0.47 -12.62
C TYR A 80 -16.52 0.05 -13.75
N SER A 81 -17.83 -0.17 -13.72
CA SER A 81 -18.70 0.24 -14.82
C SER A 81 -18.95 1.75 -14.77
N ARG A 82 -17.85 2.49 -14.92
CA ARG A 82 -17.87 3.94 -14.91
C ARG A 82 -16.86 4.42 -15.93
N ALA A 83 -17.31 5.28 -16.85
CA ALA A 83 -16.45 5.71 -17.93
C ALA A 83 -15.38 6.65 -17.41
N GLY A 84 -14.13 6.32 -17.68
CA GLY A 84 -13.01 7.17 -17.32
C GLY A 84 -12.11 7.39 -18.50
N LEU A 85 -11.35 8.46 -18.42
CA LEU A 85 -10.46 8.84 -19.52
C LEU A 85 -9.34 7.82 -19.67
N VAL A 86 -9.30 7.15 -20.80
CA VAL A 86 -8.21 6.23 -21.12
C VAL A 86 -7.34 6.72 -22.25
N GLY A 87 -7.72 7.77 -22.96
CA GLY A 87 -6.91 8.28 -24.04
C GLY A 87 -7.25 9.67 -24.51
N VAL A 88 -6.23 10.49 -24.70
CA VAL A 88 -6.36 11.81 -25.30
C VAL A 88 -5.60 11.80 -26.61
N VAL A 89 -6.33 11.85 -27.72
CA VAL A 89 -5.76 11.85 -29.05
C VAL A 89 -5.90 13.24 -29.63
N GLU A 90 -4.80 13.78 -30.15
CA GLU A 90 -4.80 15.08 -30.81
C GLU A 90 -4.57 14.86 -32.30
N VAL A 91 -5.62 15.08 -33.09
CA VAL A 91 -5.52 15.00 -34.54
C VAL A 91 -4.95 16.30 -35.05
N LYS A 92 -3.62 16.36 -35.18
CA LYS A 92 -2.93 17.59 -35.53
C LYS A 92 -3.05 17.85 -37.02
N ASP A 93 -3.57 19.03 -37.38
CA ASP A 93 -3.66 19.44 -38.76
C ASP A 93 -3.35 20.91 -38.91
N SER A 94 -2.31 21.37 -38.21
CA SER A 94 -1.96 22.78 -38.25
C SER A 94 -0.50 22.94 -37.89
N GLY A 95 0.09 24.03 -38.35
CA GLY A 95 1.47 24.32 -38.00
C GLY A 95 2.41 23.36 -38.67
N THR A 96 3.31 22.78 -37.87
CA THR A 96 4.28 21.84 -38.40
C THR A 96 3.68 20.47 -38.68
N SER A 97 2.63 20.10 -37.95
CA SER A 97 2.02 18.78 -38.09
C SER A 97 0.73 18.93 -38.87
N LEU A 98 0.85 18.91 -40.20
CA LEU A 98 -0.29 18.99 -41.10
C LEU A 98 -0.71 17.58 -41.53
N ASP A 99 -1.13 16.80 -40.55
CA ASP A 99 -1.44 15.38 -40.75
C ASP A 99 -2.92 15.13 -40.95
N GLY A 100 -3.76 15.70 -40.10
CA GLY A 100 -5.18 15.41 -40.17
C GLY A 100 -5.53 13.98 -39.82
N TYR A 101 -4.60 13.24 -39.22
CA TYR A 101 -4.85 11.88 -38.78
C TYR A 101 -3.89 11.57 -37.65
N THR A 102 -4.30 10.65 -36.78
CA THR A 102 -3.45 10.17 -35.70
C THR A 102 -3.75 8.70 -35.47
N VAL A 103 -2.70 7.90 -35.36
CA VAL A 103 -2.82 6.48 -35.05
C VAL A 103 -2.40 6.32 -33.59
N TRP A 104 -3.36 5.98 -32.73
CA TRP A 104 -3.16 6.01 -31.29
C TRP A 104 -3.07 4.60 -30.74
N PRO A 105 -1.94 4.22 -30.14
CA PRO A 105 -1.86 2.90 -29.51
C PRO A 105 -2.86 2.80 -28.36
N ILE A 106 -3.70 1.78 -28.41
CA ILE A 106 -4.75 1.61 -27.41
C ILE A 106 -4.13 1.10 -26.13
N ASP A 107 -4.05 1.97 -25.12
CA ASP A 107 -3.55 1.60 -23.81
C ASP A 107 -4.35 2.35 -22.77
N VAL A 108 -4.90 1.62 -21.81
CA VAL A 108 -5.78 2.21 -20.82
C VAL A 108 -5.00 2.59 -19.57
N MET A 109 -3.67 2.63 -19.68
CA MET A 109 -2.80 2.88 -18.54
C MET A 109 -2.08 4.22 -18.63
N GLY A 110 -2.66 5.18 -19.34
CA GLY A 110 -2.01 6.46 -19.51
C GLY A 110 -2.49 7.51 -18.54
N PHE A 111 -3.55 7.21 -17.79
CA PHE A 111 -4.16 8.17 -16.89
C PHE A 111 -4.43 7.52 -15.54
N VAL A 112 -4.28 8.32 -14.49
CA VAL A 112 -4.07 7.77 -13.15
C VAL A 112 -5.35 7.12 -12.62
N GLN A 113 -6.51 7.70 -12.93
CA GLN A 113 -7.73 7.27 -12.27
C GLN A 113 -8.16 5.90 -12.75
N GLN A 114 -8.20 5.71 -14.07
CA GLN A 114 -8.54 4.39 -14.61
C GLN A 114 -7.45 3.38 -14.29
N ARG A 115 -6.19 3.78 -14.43
CA ARG A 115 -5.08 2.85 -14.23
C ARG A 115 -5.04 2.31 -12.81
N ARG A 116 -5.21 3.19 -11.82
CA ARG A 116 -5.15 2.76 -10.43
C ARG A 116 -6.31 1.83 -10.10
N LYS A 117 -7.50 2.15 -10.59
CA LYS A 117 -8.66 1.29 -10.34
C LYS A 117 -8.46 -0.07 -10.98
N LEU A 118 -7.88 -0.12 -12.18
CA LEU A 118 -7.70 -1.39 -12.86
C LEU A 118 -6.64 -2.25 -12.17
N GLU A 119 -5.56 -1.63 -11.73
CA GLU A 119 -4.49 -2.39 -11.10
C GLU A 119 -4.84 -2.90 -9.71
N LEU A 120 -6.02 -2.56 -9.20
CA LEU A 120 -6.57 -3.28 -8.06
C LEU A 120 -6.66 -4.76 -8.35
N SER A 121 -6.82 -5.12 -9.61
CA SER A 121 -6.93 -6.50 -10.05
C SER A 121 -5.70 -6.89 -10.85
N THR A 122 -5.34 -8.17 -10.76
CA THR A 122 -4.25 -8.71 -11.57
C THR A 122 -4.73 -9.11 -12.95
N TYR A 123 -5.84 -9.83 -13.01
CA TYR A 123 -6.47 -10.20 -14.27
C TYR A 123 -7.88 -9.64 -14.31
N MET A 124 -8.26 -9.10 -15.45
CA MET A 124 -9.60 -8.61 -15.67
C MET A 124 -10.09 -9.05 -17.03
N ARG A 125 -11.31 -9.58 -17.07
CA ARG A 125 -11.97 -9.97 -18.31
C ARG A 125 -13.25 -9.16 -18.41
N PHE A 126 -13.30 -8.26 -19.39
CA PHE A 126 -14.43 -7.35 -19.48
C PHE A 126 -14.68 -6.97 -20.93
N ASP A 127 -15.94 -6.66 -21.21
CA ASP A 127 -16.28 -5.88 -22.37
C ASP A 127 -16.14 -4.40 -22.03
N ALA A 128 -16.27 -3.55 -23.04
CA ALA A 128 -16.04 -2.13 -22.82
C ALA A 128 -16.97 -1.32 -23.70
N GLU A 129 -17.29 -0.12 -23.24
CA GLU A 129 -18.07 0.86 -24.00
C GLU A 129 -17.18 2.08 -24.17
N PHE A 130 -16.54 2.18 -25.32
CA PHE A 130 -15.67 3.31 -25.59
C PHE A 130 -16.48 4.47 -26.14
N THR A 131 -16.28 5.64 -25.54
CA THR A 131 -16.92 6.88 -25.97
C THR A 131 -15.84 7.86 -26.38
N PHE A 132 -16.06 8.56 -27.49
CA PHE A 132 -15.10 9.50 -28.02
C PHE A 132 -15.69 10.90 -27.92
N VAL A 133 -15.09 11.73 -27.08
CA VAL A 133 -15.48 13.12 -26.92
C VAL A 133 -14.47 13.95 -27.67
N SER A 134 -14.87 14.48 -28.82
CA SER A 134 -13.96 15.17 -29.73
C SER A 134 -14.42 16.61 -29.89
N ASN A 135 -13.47 17.54 -29.80
CA ASN A 135 -13.78 18.95 -29.93
C ASN A 135 -12.51 19.68 -30.37
N LEU A 136 -12.63 20.97 -30.61
CA LEU A 136 -11.51 21.82 -30.96
C LEU A 136 -10.84 22.34 -29.70
N ASN A 137 -9.80 23.16 -29.88
CA ASN A 137 -9.12 23.75 -28.73
C ASN A 137 -10.04 24.63 -27.91
N ASN A 138 -10.89 25.42 -28.58
CA ASN A 138 -11.77 26.34 -27.90
C ASN A 138 -13.07 25.72 -27.42
N SER A 139 -13.11 24.40 -27.30
CA SER A 139 -14.25 23.60 -26.82
C SER A 139 -15.37 23.52 -27.85
N THR A 140 -15.25 24.16 -29.00
CA THR A 140 -16.34 24.18 -29.98
C THR A 140 -16.35 22.90 -30.80
N THR A 141 -17.50 22.61 -31.37
CA THR A 141 -17.74 21.37 -32.11
C THR A 141 -18.38 21.71 -33.46
N PRO A 142 -17.61 22.16 -34.43
CA PRO A 142 -18.17 22.39 -35.76
C PRO A 142 -18.45 21.07 -36.47
N GLY A 143 -19.32 21.14 -37.46
CA GLY A 143 -19.56 19.95 -38.26
C GLY A 143 -18.30 19.56 -39.01
N MET A 144 -17.65 18.51 -38.54
CA MET A 144 -16.40 18.03 -39.13
C MET A 144 -16.44 16.52 -39.09
N LEU A 145 -16.55 15.89 -40.25
CA LEU A 145 -16.63 14.45 -40.31
C LEU A 145 -15.29 13.85 -39.91
N LEU A 146 -15.31 13.02 -38.88
CA LEU A 146 -14.13 12.27 -38.47
C LEU A 146 -14.36 10.80 -38.73
N GLN A 147 -13.27 10.07 -38.91
CA GLN A 147 -13.31 8.63 -39.01
C GLN A 147 -12.55 8.04 -37.84
N TYR A 148 -13.18 7.08 -37.15
CA TYR A 148 -12.59 6.43 -35.99
C TYR A 148 -12.44 4.95 -36.34
N MET A 149 -11.27 4.57 -36.82
CA MET A 149 -11.05 3.21 -37.29
C MET A 149 -10.26 2.43 -36.25
N TYR A 150 -10.85 1.37 -35.75
CA TYR A 150 -10.12 0.41 -34.93
C TYR A 150 -9.19 -0.39 -35.83
N VAL A 151 -7.89 -0.28 -35.58
CA VAL A 151 -6.89 -1.02 -36.34
C VAL A 151 -6.38 -2.16 -35.46
N PRO A 152 -6.92 -3.38 -35.59
CA PRO A 152 -6.47 -4.49 -34.76
C PRO A 152 -5.01 -4.82 -35.04
N PRO A 153 -4.33 -5.48 -34.10
CA PRO A 153 -2.89 -5.73 -34.28
C PRO A 153 -2.62 -6.57 -35.51
N GLY A 154 -1.90 -5.98 -36.46
CA GLY A 154 -1.58 -6.62 -37.72
C GLY A 154 -2.19 -5.94 -38.92
N ALA A 155 -3.23 -5.16 -38.72
CA ALA A 155 -3.87 -4.49 -39.85
C ALA A 155 -3.04 -3.29 -40.29
N PRO A 156 -3.05 -2.99 -41.59
CA PRO A 156 -2.26 -1.86 -42.09
C PRO A 156 -2.70 -0.55 -41.44
N LYS A 157 -1.75 0.12 -40.83
CA LYS A 157 -2.03 1.41 -40.22
C LYS A 157 -1.96 2.52 -41.26
N PRO A 158 -2.84 3.51 -41.18
CA PRO A 158 -2.80 4.61 -42.15
C PRO A 158 -1.57 5.48 -41.98
N ASP A 159 -0.99 5.88 -43.12
CA ASP A 159 0.15 6.78 -43.14
C ASP A 159 -0.21 8.15 -43.70
N SER A 160 -1.49 8.41 -43.94
CA SER A 160 -1.95 9.72 -44.37
C SER A 160 -3.45 9.79 -44.15
N ARG A 161 -3.99 11.00 -44.29
CA ARG A 161 -5.43 11.18 -44.26
C ARG A 161 -6.12 10.60 -45.49
N LYS A 162 -5.37 10.26 -46.54
CA LYS A 162 -5.93 9.80 -47.79
C LYS A 162 -5.68 8.32 -48.07
N SER A 163 -4.87 7.66 -47.26
CA SER A 163 -4.36 6.34 -47.62
C SER A 163 -5.49 5.30 -47.64
N TYR A 164 -5.23 4.21 -48.34
CA TYR A 164 -6.27 3.23 -48.63
C TYR A 164 -6.80 2.55 -47.38
N GLN A 165 -6.06 2.56 -46.28
CA GLN A 165 -6.52 1.87 -45.07
C GLN A 165 -7.84 2.44 -44.58
N TRP A 166 -8.12 3.71 -44.87
CA TRP A 166 -9.33 4.35 -44.41
C TRP A 166 -10.59 3.83 -45.09
N GLN A 167 -10.45 2.95 -46.09
CA GLN A 167 -11.61 2.38 -46.73
C GLN A 167 -12.39 1.47 -45.80
N THR A 168 -11.77 1.05 -44.69
CA THR A 168 -12.40 0.29 -43.61
C THR A 168 -13.38 -0.77 -44.13
N ALA A 169 -12.90 -1.57 -45.09
CA ALA A 169 -13.73 -2.64 -45.62
C ALA A 169 -13.97 -3.72 -44.56
N THR A 170 -12.96 -4.00 -43.75
CA THR A 170 -13.08 -4.98 -42.68
C THR A 170 -12.92 -4.38 -41.29
N ASN A 171 -12.10 -3.35 -41.14
CA ASN A 171 -11.94 -2.73 -39.83
C ASN A 171 -13.21 -2.01 -39.41
N PRO A 172 -13.50 -1.95 -38.11
CA PRO A 172 -14.63 -1.15 -37.63
C PRO A 172 -14.27 0.33 -37.63
N SER A 173 -15.06 1.11 -38.36
CA SER A 173 -14.90 2.56 -38.41
C SER A 173 -16.19 3.23 -37.97
N VAL A 174 -16.07 4.23 -37.13
CA VAL A 174 -17.18 5.12 -36.80
C VAL A 174 -16.96 6.44 -37.50
N PHE A 175 -17.95 6.87 -38.27
CA PHE A 175 -17.95 8.20 -38.86
C PHE A 175 -18.89 9.08 -38.05
N ALA A 176 -18.39 10.22 -37.60
CA ALA A 176 -19.21 11.13 -36.84
C ALA A 176 -18.67 12.54 -37.00
N LYS A 177 -19.58 13.50 -36.95
CA LYS A 177 -19.21 14.89 -36.91
C LYS A 177 -18.93 15.31 -35.47
N LEU A 178 -18.12 16.36 -35.32
CA LEU A 178 -17.87 16.87 -33.98
C LEU A 178 -19.15 17.39 -33.34
N SER A 179 -20.13 17.80 -34.14
CA SER A 179 -21.37 18.34 -33.62
C SER A 179 -22.32 17.26 -33.12
N ASP A 180 -22.09 16.02 -33.50
CA ASP A 180 -22.93 14.93 -33.04
C ASP A 180 -22.59 14.59 -31.58
N PRO A 181 -23.51 13.95 -30.88
CA PRO A 181 -23.20 13.40 -29.58
C PRO A 181 -22.02 12.45 -29.66
N PRO A 182 -21.31 12.22 -28.57
CA PRO A 182 -20.07 11.45 -28.64
C PRO A 182 -20.31 10.08 -29.22
N PRO A 183 -19.54 9.68 -30.23
CA PRO A 183 -19.61 8.30 -30.71
C PRO A 183 -19.33 7.33 -29.59
N GLN A 184 -20.20 6.34 -29.46
CA GLN A 184 -20.07 5.33 -28.42
C GLN A 184 -20.29 3.96 -29.04
N VAL A 185 -19.41 3.02 -28.71
CA VAL A 185 -19.44 1.68 -29.26
C VAL A 185 -19.21 0.68 -28.14
N SER A 186 -19.47 -0.59 -28.44
CA SER A 186 -19.20 -1.67 -27.52
C SER A 186 -18.04 -2.50 -28.05
N VAL A 187 -17.06 -2.73 -27.20
CA VAL A 187 -15.89 -3.54 -27.53
C VAL A 187 -15.97 -4.83 -26.71
N PRO A 188 -15.83 -5.99 -27.32
CA PRO A 188 -15.87 -7.24 -26.57
C PRO A 188 -14.54 -7.49 -25.86
N PHE A 189 -14.47 -8.61 -25.18
CA PHE A 189 -13.21 -9.03 -24.58
C PHE A 189 -12.30 -9.52 -25.70
N MET A 190 -11.45 -8.65 -26.20
CA MET A 190 -10.54 -8.97 -27.30
C MET A 190 -9.19 -9.27 -26.68
N SER A 191 -8.83 -10.55 -26.63
CA SER A 191 -7.54 -10.97 -26.11
C SER A 191 -7.33 -12.43 -26.42
N PRO A 192 -6.13 -12.83 -26.83
CA PRO A 192 -5.85 -14.27 -26.96
C PRO A 192 -5.91 -15.00 -25.64
N ALA A 193 -5.74 -14.30 -24.52
CA ALA A 193 -5.85 -14.90 -23.20
C ALA A 193 -7.30 -14.90 -22.75
N THR A 194 -7.54 -15.56 -21.61
CA THR A 194 -8.87 -15.57 -21.03
C THR A 194 -9.12 -14.38 -20.13
N ALA A 195 -8.14 -13.50 -19.97
CA ALA A 195 -8.29 -12.30 -19.17
C ALA A 195 -7.19 -11.32 -19.55
N TYR A 196 -7.50 -10.04 -19.52
CA TYR A 196 -6.44 -9.05 -19.62
C TYR A 196 -5.56 -9.14 -18.38
N GLN A 197 -4.32 -8.70 -18.53
CA GLN A 197 -3.28 -8.89 -17.52
C GLN A 197 -2.57 -7.57 -17.33
N TRP A 198 -2.92 -6.84 -16.27
CA TRP A 198 -2.27 -5.58 -16.00
C TRP A 198 -0.86 -5.75 -15.46
N PHE A 199 -0.56 -6.90 -14.87
CA PHE A 199 0.77 -7.20 -14.36
C PHE A 199 1.21 -8.52 -14.96
N TYR A 200 2.25 -8.48 -15.78
CA TYR A 200 2.78 -9.67 -16.44
C TYR A 200 4.23 -9.82 -16.00
N ASP A 201 4.46 -10.64 -14.98
CA ASP A 201 5.81 -10.88 -14.48
C ASP A 201 6.50 -11.83 -15.45
N GLY A 202 7.02 -11.26 -16.54
CA GLY A 202 7.71 -12.06 -17.51
C GLY A 202 8.03 -11.25 -18.75
N TYR A 203 8.53 -11.96 -19.75
CA TYR A 203 8.92 -11.40 -21.02
C TYR A 203 8.11 -12.01 -22.15
N PRO A 204 7.79 -11.22 -23.18
CA PRO A 204 6.97 -11.77 -24.27
C PRO A 204 7.73 -12.73 -25.15
N THR A 205 9.05 -12.61 -25.23
CA THR A 205 9.87 -13.43 -26.11
C THR A 205 10.96 -14.12 -25.32
N PHE A 206 11.48 -15.20 -25.89
CA PHE A 206 12.64 -15.86 -25.33
C PHE A 206 13.90 -15.05 -25.64
N GLY A 207 14.96 -15.36 -24.93
CA GLY A 207 16.23 -14.70 -25.17
C GLY A 207 17.03 -14.59 -23.90
N GLU A 208 18.15 -13.88 -23.99
CA GLU A 208 19.02 -13.68 -22.85
C GLU A 208 18.56 -12.56 -21.95
N HIS A 209 17.87 -11.55 -22.51
CA HIS A 209 17.35 -10.41 -21.76
C HIS A 209 18.47 -9.66 -21.05
N LYS A 210 19.56 -9.41 -21.77
CA LYS A 210 20.73 -8.72 -21.23
C LYS A 210 20.89 -7.33 -21.81
N GLN A 211 19.84 -6.79 -22.42
CA GLN A 211 19.92 -5.45 -22.99
C GLN A 211 20.03 -4.40 -21.89
N ALA A 212 20.67 -3.28 -22.23
CA ALA A 212 20.81 -2.20 -21.26
C ALA A 212 19.47 -1.59 -20.91
N THR A 213 18.54 -1.54 -21.86
CA THR A 213 17.17 -1.12 -21.62
C THR A 213 16.30 -2.37 -21.70
N ASN A 214 15.92 -2.91 -20.54
CA ASN A 214 15.07 -4.09 -20.47
C ASN A 214 13.60 -3.70 -20.72
N LEU A 215 13.40 -3.07 -21.89
CA LEU A 215 12.11 -2.45 -22.20
C LEU A 215 10.99 -3.47 -22.36
N GLN A 216 11.31 -4.74 -22.52
CA GLN A 216 10.28 -5.73 -22.80
C GLN A 216 9.79 -6.44 -21.56
N TYR A 217 10.34 -6.14 -20.39
CA TYR A 217 9.85 -6.76 -19.17
C TYR A 217 8.44 -6.30 -18.87
N GLY A 218 7.55 -7.25 -18.64
CA GLY A 218 6.18 -6.95 -18.30
C GLY A 218 5.26 -6.69 -19.47
N GLN A 219 5.76 -6.74 -20.70
CA GLN A 219 4.97 -6.37 -21.86
C GLN A 219 4.31 -7.62 -22.42
N CYS A 220 3.07 -7.86 -22.01
CA CYS A 220 2.31 -8.99 -22.50
C CYS A 220 1.55 -8.58 -23.74
N PRO A 221 1.81 -9.18 -24.90
CA PRO A 221 1.07 -8.81 -26.11
C PRO A 221 -0.40 -9.20 -26.05
N ASN A 222 -0.82 -9.87 -24.99
CA ASN A 222 -2.22 -10.22 -24.84
C ASN A 222 -3.09 -9.00 -24.52
N ASN A 223 -2.49 -7.94 -23.97
CA ASN A 223 -3.21 -6.71 -23.70
C ASN A 223 -3.15 -5.73 -24.86
N MET A 224 -2.16 -5.86 -25.72
CA MET A 224 -1.99 -4.96 -26.86
C MET A 224 -3.08 -5.25 -27.88
N MET A 225 -4.10 -4.39 -27.90
CA MET A 225 -5.28 -4.62 -28.72
C MET A 225 -5.30 -3.76 -29.97
N GLY A 226 -4.21 -3.10 -30.30
CA GLY A 226 -4.12 -2.39 -31.55
C GLY A 226 -4.14 -0.89 -31.42
N HIS A 227 -4.60 -0.23 -32.47
CA HIS A 227 -4.52 1.22 -32.59
C HIS A 227 -5.87 1.78 -33.03
N PHE A 228 -6.25 2.90 -32.45
CA PHE A 228 -7.39 3.67 -32.93
C PHE A 228 -6.85 4.72 -33.89
N ALA A 229 -7.19 4.59 -35.16
CA ALA A 229 -6.76 5.52 -36.20
C ALA A 229 -7.88 6.51 -36.46
N ILE A 230 -7.64 7.77 -36.12
CA ILE A 230 -8.63 8.83 -36.24
C ILE A 230 -8.14 9.84 -37.26
N ARG A 231 -9.05 10.28 -38.13
CA ARG A 231 -8.75 11.30 -39.11
C ARG A 231 -9.96 12.20 -39.27
N THR A 232 -9.73 13.39 -39.80
CA THR A 232 -10.80 14.20 -40.34
C THR A 232 -10.96 13.83 -41.81
N VAL A 233 -12.20 13.63 -42.24
CA VAL A 233 -12.43 13.20 -43.61
C VAL A 233 -12.27 14.44 -44.49
N SER A 234 -11.04 14.68 -44.93
CA SER A 234 -10.64 15.92 -45.56
C SER A 234 -9.82 15.60 -46.80
N GLU A 235 -9.55 16.65 -47.59
CA GLU A 235 -8.70 16.54 -48.76
C GLU A 235 -7.42 17.33 -48.63
N SER A 236 -7.35 18.26 -47.68
CA SER A 236 -6.15 19.05 -47.43
C SER A 236 -6.15 19.43 -45.97
N THR A 237 -5.18 20.25 -45.58
CA THR A 237 -5.06 20.64 -44.19
C THR A 237 -6.26 21.48 -43.76
N THR A 238 -6.94 21.03 -42.71
CA THR A 238 -8.06 21.79 -42.19
C THR A 238 -7.60 23.02 -41.43
N GLY A 239 -6.38 23.02 -40.92
CA GLY A 239 -5.90 24.11 -40.10
C GLY A 239 -6.34 24.05 -38.67
N LYS A 240 -6.99 22.96 -38.26
CA LYS A 240 -7.57 22.84 -36.93
C LYS A 240 -7.07 21.56 -36.29
N ASN A 241 -6.65 21.66 -35.04
CA ASN A 241 -6.30 20.50 -34.24
C ASN A 241 -7.54 20.04 -33.50
N ILE A 242 -7.78 18.73 -33.52
CA ILE A 242 -8.95 18.13 -32.88
C ILE A 242 -8.45 17.29 -31.71
N HIS A 243 -9.08 17.47 -30.55
CA HIS A 243 -8.73 16.73 -29.35
C HIS A 243 -9.80 15.70 -29.08
N VAL A 244 -9.48 14.45 -29.38
CA VAL A 244 -10.36 13.32 -29.11
C VAL A 244 -10.02 12.78 -27.73
N ARG A 245 -11.03 12.63 -26.89
CA ARG A 245 -10.88 12.04 -25.57
C ARG A 245 -11.67 10.74 -25.55
N VAL A 246 -11.02 9.68 -25.11
CA VAL A 246 -11.57 8.33 -25.17
C VAL A 246 -11.91 7.91 -23.76
N TYR A 247 -13.16 7.51 -23.55
CA TYR A 247 -13.63 7.07 -22.24
C TYR A 247 -14.06 5.61 -22.35
N MET A 248 -13.49 4.78 -21.50
CA MET A 248 -13.83 3.36 -21.46
C MET A 248 -14.75 3.12 -20.27
N ARG A 249 -15.87 2.48 -20.52
CA ARG A 249 -16.76 2.01 -19.47
C ARG A 249 -16.70 0.49 -19.49
N ILE A 250 -15.92 -0.07 -18.57
CA ILE A 250 -15.80 -1.51 -18.44
C ILE A 250 -17.13 -2.11 -18.01
N LYS A 251 -17.54 -3.18 -18.67
CA LYS A 251 -18.77 -3.87 -18.33
C LYS A 251 -18.59 -5.37 -18.51
N HIS A 252 -19.44 -6.14 -17.85
CA HIS A 252 -19.36 -7.59 -17.82
C HIS A 252 -17.99 -8.03 -17.30
N VAL A 253 -17.65 -7.53 -16.13
CA VAL A 253 -16.29 -7.53 -15.64
C VAL A 253 -16.08 -8.68 -14.67
N ARG A 254 -15.01 -9.44 -14.89
CA ARG A 254 -14.53 -10.44 -13.95
C ARG A 254 -13.12 -10.06 -13.53
N ALA A 255 -12.90 -9.95 -12.23
CA ALA A 255 -11.62 -9.55 -11.68
C ALA A 255 -11.04 -10.70 -10.86
N TRP A 256 -9.73 -10.89 -10.96
CA TRP A 256 -9.02 -11.94 -10.25
C TRP A 256 -7.79 -11.38 -9.54
N VAL A 257 -7.40 -12.04 -8.45
CA VAL A 257 -6.19 -11.76 -7.70
C VAL A 257 -6.11 -10.29 -7.30
N PRO A 258 -6.87 -9.85 -6.29
CA PRO A 258 -6.81 -8.45 -5.88
C PRO A 258 -5.40 -8.06 -5.43
N ARG A 259 -5.03 -6.82 -5.72
CA ARG A 259 -3.69 -6.32 -5.46
C ARG A 259 -3.73 -5.10 -4.57
N PRO A 260 -2.59 -4.68 -4.01
CA PRO A 260 -2.55 -3.38 -3.34
C PRO A 260 -2.73 -2.25 -4.34
N LEU A 261 -3.55 -1.27 -3.95
CA LEU A 261 -3.68 -0.08 -4.76
C LEU A 261 -2.37 0.69 -4.74
N ARG A 262 -1.96 1.15 -5.91
CA ARG A 262 -0.66 1.79 -6.05
C ARG A 262 -0.52 2.97 -5.10
N SER A 263 0.62 3.03 -4.42
CA SER A 263 0.89 4.08 -3.47
C SER A 263 1.87 5.12 -3.99
N GLN A 264 2.69 4.75 -4.97
CA GLN A 264 3.68 5.67 -5.54
C GLN A 264 3.14 6.26 -6.83
N ALA A 265 3.45 7.53 -7.06
CA ALA A 265 3.05 8.16 -8.30
C ALA A 265 3.62 7.42 -9.49
N TYR A 266 2.79 7.17 -10.50
CA TYR A 266 3.25 6.53 -11.71
C TYR A 266 4.21 7.44 -12.45
N MET A 267 5.11 6.83 -13.21
CA MET A 267 6.06 7.59 -14.01
C MET A 267 5.90 7.33 -15.50
N VAL A 268 5.80 6.07 -15.91
CA VAL A 268 5.65 5.71 -17.31
C VAL A 268 4.39 4.86 -17.45
N LYS A 269 4.01 4.61 -18.71
CA LYS A 269 2.70 4.00 -18.97
C LYS A 269 2.71 2.51 -18.69
N ASN A 270 3.60 1.77 -19.33
CA ASN A 270 3.52 0.32 -19.39
C ASN A 270 4.47 -0.37 -18.41
N TYR A 271 4.98 0.37 -17.42
CA TYR A 271 5.91 -0.22 -16.48
C TYR A 271 5.59 0.27 -15.08
N PRO A 272 5.58 -0.62 -14.09
CA PRO A 272 5.66 -0.16 -12.70
C PRO A 272 7.05 0.41 -12.48
N THR A 273 7.11 1.69 -12.16
CA THR A 273 8.40 2.34 -11.95
C THR A 273 8.14 3.59 -11.13
N TYR A 274 8.81 3.69 -9.99
CA TYR A 274 8.59 4.78 -9.07
C TYR A 274 9.87 5.58 -8.93
N SER A 275 9.75 6.79 -8.41
CA SER A 275 10.92 7.61 -8.17
C SER A 275 11.61 7.16 -6.90
N GLN A 276 12.92 7.43 -6.83
CA GLN A 276 13.68 7.11 -5.63
C GLN A 276 13.17 7.87 -4.42
N THR A 277 12.51 9.01 -4.63
CA THR A 277 11.83 9.73 -3.56
C THR A 277 10.53 8.99 -3.25
N ILE A 278 10.66 7.95 -2.43
CA ILE A 278 9.50 7.14 -2.06
C ILE A 278 8.61 7.95 -1.12
N THR A 279 7.38 8.18 -1.54
CA THR A 279 6.42 8.86 -0.68
C THR A 279 5.76 7.85 0.26
N ASN A 280 5.62 8.25 1.51
CA ASN A 280 4.99 7.39 2.50
C ASN A 280 3.52 7.21 2.15
N THR A 281 3.03 5.98 2.34
CA THR A 281 1.63 5.72 2.06
C THR A 281 0.71 6.36 3.08
N ALA A 282 1.21 6.65 4.28
CA ALA A 282 0.47 7.38 5.30
C ALA A 282 1.12 8.74 5.50
N THR A 283 0.29 9.78 5.56
CA THR A 283 0.78 11.10 5.87
C THR A 283 1.39 11.11 7.27
N ASP A 284 2.42 11.94 7.44
CA ASP A 284 3.15 11.96 8.70
C ASP A 284 2.41 12.78 9.75
N ARG A 285 2.64 12.42 11.01
CA ARG A 285 2.19 13.19 12.15
C ARG A 285 3.36 13.40 13.09
N ALA A 286 3.10 14.12 14.19
CA ALA A 286 4.18 14.55 15.06
C ALA A 286 4.77 13.37 15.83
N SER A 287 3.93 12.53 16.40
CA SER A 287 4.39 11.38 17.16
C SER A 287 3.34 10.30 17.09
N ILE A 288 3.71 9.11 17.60
CA ILE A 288 2.80 7.97 17.62
C ILE A 288 1.69 8.14 18.64
N THR A 289 1.68 9.25 19.38
CA THR A 289 0.66 9.54 20.37
C THR A 289 -0.09 10.83 20.05
N THR A 290 -0.01 11.30 18.81
CA THR A 290 -0.64 12.54 18.39
C THR A 290 -1.85 12.25 17.50
N THR A 291 -2.99 12.81 17.87
CA THR A 291 -4.20 12.68 17.08
C THR A 291 -4.79 14.06 16.81
N ASP A 292 -5.43 14.20 15.65
CA ASP A 292 -6.03 15.46 15.24
C ASP A 292 -7.53 15.41 15.50
N TYR A 293 -7.88 15.56 16.78
CA TYR A 293 -9.29 15.58 17.17
C TYR A 293 -9.39 16.29 18.50
N GLU A 294 -10.00 17.48 18.50
CA GLU A 294 -10.08 18.26 19.72
C GLU A 294 -11.15 17.73 20.68
N GLY A 295 -12.27 17.26 20.15
CA GLY A 295 -13.32 16.77 21.00
C GLY A 295 -13.94 17.87 21.83
N GLY A 296 -14.82 17.45 22.75
CA GLY A 296 -15.47 18.36 23.64
C GLY A 296 -14.66 18.61 24.90
N VAL A 297 -15.18 19.48 25.74
CA VAL A 297 -14.52 19.81 27.00
C VAL A 297 -14.75 18.69 27.98
N PRO A 298 -13.71 18.09 28.56
CA PRO A 298 -13.92 17.03 29.55
C PRO A 298 -14.62 17.55 30.78
N ALA A 299 -15.55 16.75 31.31
CA ALA A 299 -16.33 17.17 32.46
C ALA A 299 -15.49 17.22 33.73
N SER A 300 -14.48 16.37 33.84
CA SER A 300 -13.63 16.34 35.02
C SER A 300 -12.28 15.74 34.66
N PRO A 301 -11.34 16.55 34.15
CA PRO A 301 -10.00 16.06 33.79
C PRO A 301 -9.15 15.72 35.00
N GLY B 8 -11.25 -27.12 16.23
CA GLY B 8 -11.23 -25.74 15.78
C GLY B 8 -9.89 -25.06 15.95
N TYR B 9 -8.92 -25.82 16.44
CA TYR B 9 -7.56 -25.31 16.57
C TYR B 9 -6.74 -25.67 15.32
N SER B 10 -5.58 -25.04 15.20
CA SER B 10 -4.57 -25.43 14.23
C SER B 10 -3.42 -26.05 15.00
N ASP B 11 -3.11 -27.30 14.71
CA ASP B 11 -2.03 -27.98 15.41
C ASP B 11 -0.70 -27.37 15.02
N ARG B 12 0.17 -27.18 16.02
CA ARG B 12 1.45 -26.53 15.77
C ARG B 12 2.43 -27.45 15.08
N VAL B 13 2.28 -28.76 15.20
CA VAL B 13 3.13 -29.72 14.51
C VAL B 13 2.53 -30.02 13.14
N ALA B 14 3.40 -30.19 12.15
CA ALA B 14 2.93 -30.46 10.80
C ALA B 14 4.01 -31.19 10.03
N GLN B 15 3.59 -32.09 9.16
CA GLN B 15 4.49 -32.82 8.28
C GLN B 15 3.98 -32.70 6.86
N LEU B 16 4.80 -32.13 5.99
CA LEU B 16 4.48 -32.00 4.58
C LEU B 16 5.28 -33.04 3.81
N THR B 17 4.59 -33.92 3.11
CA THR B 17 5.20 -35.06 2.42
C THR B 17 4.73 -35.06 0.98
N VAL B 18 5.64 -34.82 0.05
CA VAL B 18 5.35 -34.92 -1.37
C VAL B 18 6.59 -35.46 -2.07
N GLY B 19 6.41 -36.53 -2.83
CA GLY B 19 7.54 -37.17 -3.48
C GLY B 19 8.34 -37.99 -2.49
N ASN B 20 9.65 -37.85 -2.55
CA ASN B 20 10.54 -38.46 -1.58
C ASN B 20 10.99 -37.47 -0.51
N SER B 21 10.35 -36.31 -0.45
CA SER B 21 10.69 -35.29 0.51
C SER B 21 9.65 -35.24 1.62
N THR B 22 10.09 -35.00 2.84
CA THR B 22 9.20 -34.81 3.97
C THR B 22 9.73 -33.69 4.84
N ILE B 23 8.91 -32.66 5.04
CA ILE B 23 9.25 -31.52 5.87
C ILE B 23 8.48 -31.65 7.18
N THR B 24 9.19 -31.57 8.29
CA THR B 24 8.58 -31.56 9.61
C THR B 24 8.71 -30.19 10.23
N THR B 25 7.67 -29.78 10.93
CA THR B 25 7.72 -28.57 11.74
C THR B 25 6.94 -28.82 13.01
N GLN B 26 7.45 -28.27 14.11
CA GLN B 26 6.77 -28.35 15.40
C GLN B 26 6.27 -27.00 15.87
N GLU B 27 6.41 -25.97 15.06
CA GLU B 27 5.92 -24.63 15.38
C GLU B 27 5.24 -24.02 14.17
N ALA B 28 4.34 -24.77 13.54
CA ALA B 28 3.65 -24.28 12.37
C ALA B 28 2.55 -23.29 12.76
N ALA B 29 2.01 -22.62 11.75
CA ALA B 29 0.99 -21.60 11.93
C ALA B 29 -0.12 -21.74 10.90
N ASN B 30 -0.70 -22.95 10.76
CA ASN B 30 -1.89 -23.13 9.95
C ASN B 30 -1.68 -22.83 8.47
N ILE B 31 -1.11 -23.79 7.73
CA ILE B 31 -0.82 -23.70 6.31
C ILE B 31 -1.86 -22.92 5.54
N VAL B 32 -1.41 -22.00 4.69
CA VAL B 32 -2.29 -21.17 3.87
C VAL B 32 -2.57 -21.87 2.56
N LEU B 33 -3.86 -22.03 2.25
CA LEU B 33 -4.30 -22.53 0.95
C LEU B 33 -4.72 -21.31 0.14
N SER B 34 -3.86 -20.91 -0.79
CA SER B 34 -4.04 -19.66 -1.52
C SER B 34 -5.37 -19.63 -2.25
N TYR B 35 -6.19 -18.64 -1.92
CA TYR B 35 -7.46 -18.41 -2.58
C TYR B 35 -8.42 -19.58 -2.43
N GLY B 36 -8.19 -20.42 -1.42
CA GLY B 36 -9.03 -21.56 -1.15
C GLY B 36 -8.96 -22.68 -2.15
N GLU B 37 -8.11 -22.60 -3.15
CA GLU B 37 -8.09 -23.56 -4.25
C GLU B 37 -6.80 -24.36 -4.22
N TRP B 38 -6.92 -25.67 -4.09
CA TRP B 38 -5.77 -26.55 -4.23
C TRP B 38 -5.27 -26.54 -5.67
N PRO B 39 -3.99 -26.81 -5.89
CA PRO B 39 -3.51 -27.00 -7.25
C PRO B 39 -4.21 -28.16 -7.91
N GLU B 40 -4.55 -28.00 -9.18
CA GLU B 40 -5.18 -29.05 -9.94
C GLU B 40 -4.55 -29.13 -11.32
N TYR B 41 -4.67 -30.30 -11.94
CA TYR B 41 -4.30 -30.43 -13.33
C TYR B 41 -5.29 -29.67 -14.21
N CYS B 42 -4.88 -29.42 -15.44
CA CYS B 42 -5.68 -28.59 -16.32
C CYS B 42 -6.87 -29.38 -16.84
N PRO B 43 -8.10 -28.96 -16.55
CA PRO B 43 -9.26 -29.66 -17.08
C PRO B 43 -9.31 -29.55 -18.60
N SER B 44 -9.79 -30.61 -19.25
CA SER B 44 -9.96 -30.58 -20.70
C SER B 44 -10.81 -29.40 -21.13
N THR B 45 -11.68 -28.92 -20.26
CA THR B 45 -12.52 -27.77 -20.57
C THR B 45 -11.70 -26.50 -20.69
N ASP B 46 -10.63 -26.38 -19.89
CA ASP B 46 -9.80 -25.19 -19.88
C ASP B 46 -8.52 -25.36 -20.67
N ALA B 47 -8.27 -26.53 -21.24
CA ALA B 47 -7.05 -26.78 -21.98
C ALA B 47 -7.15 -26.21 -23.39
N THR B 48 -6.02 -25.75 -23.90
CA THR B 48 -5.95 -25.28 -25.29
C THR B 48 -4.98 -26.10 -26.13
N ALA B 49 -3.85 -26.51 -25.58
CA ALA B 49 -2.88 -27.29 -26.33
C ALA B 49 -3.38 -28.71 -26.49
N VAL B 50 -3.06 -29.31 -27.64
CA VAL B 50 -3.62 -30.61 -27.98
C VAL B 50 -2.66 -31.76 -27.71
N ASP B 51 -1.38 -31.50 -27.50
CA ASP B 51 -0.43 -32.54 -27.15
C ASP B 51 -0.71 -33.07 -25.76
N LYS B 52 -0.43 -34.36 -25.57
CA LYS B 52 -0.58 -34.93 -24.24
C LYS B 52 0.45 -34.31 -23.30
N PRO B 53 0.03 -33.77 -22.17
CA PRO B 53 0.99 -33.25 -21.21
C PRO B 53 1.72 -34.37 -20.49
N THR B 54 2.97 -34.11 -20.16
CA THR B 54 3.69 -35.02 -19.28
C THR B 54 3.42 -34.62 -17.84
N ARG B 55 3.25 -35.62 -16.99
CA ARG B 55 2.99 -35.41 -15.56
C ARG B 55 4.00 -36.25 -14.80
N PRO B 56 5.22 -35.76 -14.63
CA PRO B 56 6.28 -36.52 -13.96
C PRO B 56 6.13 -36.49 -12.44
N ASP B 57 5.05 -37.10 -11.96
CA ASP B 57 4.49 -36.84 -10.65
C ASP B 57 5.53 -36.73 -9.53
N VAL B 58 6.22 -37.82 -9.23
CA VAL B 58 7.08 -37.82 -8.04
C VAL B 58 8.44 -37.23 -8.31
N SER B 59 8.87 -37.16 -9.58
CA SER B 59 10.20 -36.65 -9.88
C SER B 59 10.26 -35.14 -9.92
N VAL B 60 9.13 -34.45 -10.08
CA VAL B 60 9.09 -32.99 -10.10
C VAL B 60 8.31 -32.43 -8.92
N ASN B 61 7.24 -33.09 -8.50
CA ASN B 61 6.45 -32.64 -7.37
C ASN B 61 7.13 -33.13 -6.11
N ARG B 62 7.95 -32.27 -5.52
CA ARG B 62 8.74 -32.62 -4.36
C ARG B 62 9.37 -31.35 -3.82
N PHE B 63 9.74 -31.38 -2.55
CA PHE B 63 10.30 -30.21 -1.90
C PHE B 63 11.75 -30.00 -2.34
N TYR B 64 12.00 -28.89 -3.01
CA TYR B 64 13.34 -28.46 -3.37
C TYR B 64 13.77 -27.37 -2.39
N THR B 65 14.75 -27.66 -1.55
CA THR B 65 15.38 -26.64 -0.74
C THR B 65 16.40 -25.90 -1.59
N LEU B 66 16.21 -24.61 -1.75
CA LEU B 66 16.89 -23.86 -2.80
C LEU B 66 17.81 -22.77 -2.33
N SER B 67 17.47 -22.07 -1.25
CA SER B 67 18.29 -20.95 -0.84
C SER B 67 18.15 -20.72 0.65
N THR B 68 19.24 -20.28 1.25
CA THR B 68 19.28 -19.89 2.65
C THR B 68 19.84 -18.48 2.74
N LYS B 69 19.07 -17.58 3.34
CA LYS B 69 19.45 -16.18 3.47
C LYS B 69 19.61 -15.86 4.94
N SER B 70 20.74 -15.24 5.30
CA SER B 70 21.03 -14.91 6.69
C SER B 70 20.26 -13.65 7.07
N TRP B 71 19.28 -13.81 7.95
CA TRP B 71 18.50 -12.69 8.42
C TRP B 71 19.35 -11.82 9.34
N LYS B 72 19.48 -10.55 8.99
CA LYS B 72 20.23 -9.60 9.78
C LYS B 72 19.29 -8.51 10.26
N THR B 73 19.80 -7.69 11.19
CA THR B 73 18.97 -6.62 11.74
C THR B 73 18.62 -5.59 10.67
N GLU B 74 19.52 -5.36 9.73
CA GLU B 74 19.31 -4.39 8.66
C GLU B 74 18.77 -5.02 7.39
N SER B 75 18.44 -6.31 7.41
CA SER B 75 17.93 -6.98 6.22
C SER B 75 16.64 -6.33 5.76
N THR B 76 16.54 -6.10 4.45
CA THR B 76 15.35 -5.51 3.86
C THR B 76 14.38 -6.53 3.32
N GLY B 77 14.82 -7.76 3.08
CA GLY B 77 13.98 -8.79 2.53
C GLY B 77 14.52 -9.34 1.23
N TRP B 78 13.94 -10.46 0.83
CA TRP B 78 14.35 -11.15 -0.38
C TRP B 78 13.10 -11.59 -1.13
N TYR B 79 13.24 -11.76 -2.44
CA TYR B 79 12.14 -12.28 -3.24
C TYR B 79 12.69 -13.27 -4.26
N TRP B 80 11.87 -14.26 -4.58
CA TRP B 80 12.13 -15.21 -5.64
C TRP B 80 10.96 -15.19 -6.61
N LYS B 81 11.15 -15.84 -7.75
CA LYS B 81 10.09 -16.09 -8.71
C LYS B 81 9.94 -17.59 -8.85
N PHE B 82 8.71 -18.09 -8.66
CA PHE B 82 8.54 -19.52 -8.39
C PHE B 82 9.05 -20.40 -9.52
N PRO B 83 8.60 -20.25 -10.77
CA PRO B 83 9.18 -21.10 -11.81
C PRO B 83 10.67 -20.85 -11.98
N ASP B 84 11.09 -19.58 -11.92
CA ASP B 84 12.50 -19.26 -12.15
C ASP B 84 13.40 -19.92 -11.12
N VAL B 85 12.99 -19.92 -9.86
CA VAL B 85 13.83 -20.45 -8.79
C VAL B 85 14.02 -21.96 -8.91
N LEU B 86 13.29 -22.61 -9.80
CA LEU B 86 13.42 -24.05 -10.04
C LEU B 86 13.76 -24.40 -11.47
N ASN B 87 13.94 -23.42 -12.36
CA ASN B 87 14.14 -23.72 -13.77
C ASN B 87 15.47 -24.39 -14.05
N ASP B 88 16.40 -24.38 -13.10
CA ASP B 88 17.69 -25.01 -13.26
C ASP B 88 17.95 -26.10 -12.23
N THR B 89 16.89 -26.65 -11.65
CA THR B 89 17.01 -27.57 -10.52
C THR B 89 16.23 -28.84 -10.81
N GLY B 90 16.91 -29.98 -10.72
CA GLY B 90 16.29 -31.28 -10.75
C GLY B 90 15.55 -31.57 -12.04
N VAL B 91 14.68 -32.57 -11.96
CA VAL B 91 13.87 -32.97 -13.10
C VAL B 91 12.83 -31.92 -13.43
N PHE B 92 12.52 -31.01 -12.49
CA PHE B 92 11.64 -29.91 -12.82
C PHE B 92 12.28 -28.98 -13.83
N GLY B 93 13.49 -28.51 -13.53
CA GLY B 93 14.17 -27.62 -14.44
C GLY B 93 14.35 -28.24 -15.82
N GLN B 94 14.65 -29.54 -15.86
CA GLN B 94 14.81 -30.21 -17.15
C GLN B 94 13.50 -30.28 -17.90
N ASN B 95 12.41 -30.59 -17.20
CA ASN B 95 11.10 -30.57 -17.85
C ASN B 95 10.70 -29.16 -18.24
N ALA B 96 11.09 -28.16 -17.44
CA ALA B 96 10.77 -26.78 -17.75
C ALA B 96 11.60 -26.25 -18.91
N GLN B 97 12.74 -26.86 -19.17
CA GLN B 97 13.57 -26.44 -20.29
C GLN B 97 13.19 -27.18 -21.56
N PHE B 98 12.95 -28.48 -21.47
CA PHE B 98 12.59 -29.26 -22.64
C PHE B 98 11.19 -28.98 -23.14
N HIS B 99 10.32 -28.42 -22.32
CA HIS B 99 8.94 -28.18 -22.70
C HIS B 99 8.67 -26.69 -22.79
N TYR B 100 7.92 -26.31 -23.83
CA TYR B 100 7.53 -24.92 -23.99
C TYR B 100 6.44 -24.53 -23.00
N LEU B 101 5.48 -25.42 -22.77
CA LEU B 101 4.35 -25.14 -21.91
C LEU B 101 4.54 -25.82 -20.56
N TYR B 102 4.15 -25.13 -19.51
CA TYR B 102 4.24 -25.66 -18.16
C TYR B 102 3.13 -25.07 -17.32
N ARG B 103 2.54 -25.87 -16.45
CA ARG B 103 1.70 -25.36 -15.38
C ARG B 103 1.90 -26.20 -14.14
N SER B 104 1.80 -25.53 -12.98
CA SER B 104 2.02 -26.18 -11.71
C SER B 104 1.63 -25.21 -10.60
N GLY B 105 1.17 -25.77 -9.49
CA GLY B 105 1.12 -25.05 -8.24
C GLY B 105 2.38 -25.30 -7.45
N PHE B 106 2.42 -24.74 -6.24
CA PHE B 106 3.56 -24.99 -5.39
C PHE B 106 3.15 -24.93 -3.92
N CYS B 107 3.90 -25.65 -3.11
CA CYS B 107 3.84 -25.53 -1.66
C CYS B 107 5.15 -24.90 -1.20
N MET B 108 5.09 -23.64 -0.81
CA MET B 108 6.25 -22.87 -0.41
C MET B 108 6.38 -22.94 1.10
N HIS B 109 7.49 -23.49 1.58
CA HIS B 109 7.74 -23.64 3.01
C HIS B 109 8.98 -22.84 3.36
N VAL B 110 8.78 -21.68 3.99
CA VAL B 110 9.88 -20.84 4.43
C VAL B 110 10.21 -21.18 5.87
N GLN B 111 11.48 -21.43 6.14
CA GLN B 111 11.94 -21.93 7.43
C GLN B 111 12.88 -20.92 8.05
N CYS B 112 12.47 -20.36 9.19
CA CYS B 112 13.32 -19.48 9.98
C CYS B 112 13.06 -19.79 11.44
N ASN B 113 14.02 -20.42 12.09
CA ASN B 113 13.92 -20.74 13.51
C ASN B 113 14.92 -19.90 14.29
N ALA B 114 14.51 -19.48 15.48
CA ALA B 114 15.38 -18.75 16.37
C ALA B 114 14.94 -19.06 17.80
N SER B 115 15.80 -18.70 18.75
CA SER B 115 15.55 -19.01 20.14
C SER B 115 14.35 -18.23 20.67
N LYS B 116 13.88 -18.64 21.85
CA LYS B 116 12.86 -17.89 22.57
C LYS B 116 13.38 -16.57 23.12
N PHE B 117 14.62 -16.22 22.82
CA PHE B 117 15.21 -14.94 23.19
C PHE B 117 15.46 -14.05 21.99
N HIS B 118 15.21 -14.55 20.79
CA HIS B 118 15.21 -13.72 19.59
C HIS B 118 13.81 -13.20 19.33
N GLN B 119 13.72 -12.08 18.62
CA GLN B 119 12.44 -11.52 18.23
C GLN B 119 12.52 -11.04 16.80
N GLY B 120 11.37 -10.94 16.17
CA GLY B 120 11.26 -10.46 14.81
C GLY B 120 10.17 -11.19 14.07
N ALA B 121 9.52 -10.48 13.16
CA ALA B 121 8.47 -11.03 12.32
C ALA B 121 8.84 -10.88 10.85
N LEU B 122 8.62 -11.95 10.10
CA LEU B 122 8.80 -11.94 8.65
C LEU B 122 7.45 -12.04 7.98
N LEU B 123 7.25 -11.25 6.94
CA LEU B 123 6.08 -11.38 6.09
C LEU B 123 6.45 -12.26 4.90
N VAL B 124 5.88 -13.46 4.85
CA VAL B 124 6.10 -14.40 3.76
C VAL B 124 4.83 -14.39 2.93
N ALA B 125 4.92 -13.89 1.70
CA ALA B 125 3.77 -13.75 0.84
C ALA B 125 4.07 -14.29 -0.55
N ALA B 126 3.04 -14.82 -1.19
CA ALA B 126 3.12 -15.35 -2.55
C ALA B 126 2.33 -14.40 -3.44
N ILE B 127 3.04 -13.63 -4.25
CA ILE B 127 2.46 -12.53 -5.02
C ILE B 127 2.28 -13.00 -6.46
N PRO B 128 1.05 -13.23 -6.92
CA PRO B 128 0.86 -13.56 -8.33
C PRO B 128 1.15 -12.36 -9.22
N GLU B 129 1.92 -12.59 -10.27
CA GLU B 129 2.31 -11.55 -11.23
C GLU B 129 3.03 -10.41 -10.51
N PHE B 130 4.13 -10.76 -9.87
CA PHE B 130 4.93 -9.82 -9.09
C PHE B 130 5.89 -9.10 -10.04
N VAL B 131 5.35 -8.11 -10.74
CA VAL B 131 6.19 -7.32 -11.64
C VAL B 131 7.06 -6.39 -10.80
N ILE B 132 8.36 -6.50 -10.99
CA ILE B 132 9.31 -5.72 -10.20
C ILE B 132 9.51 -4.37 -10.88
N ALA B 133 9.49 -3.32 -10.08
CA ALA B 133 9.68 -1.97 -10.58
C ALA B 133 11.15 -1.57 -10.50
N ALA B 134 11.49 -0.56 -11.28
CA ALA B 134 12.79 0.08 -11.20
C ALA B 134 12.61 1.45 -10.57
N SER B 135 13.49 1.78 -9.63
CA SER B 135 13.45 3.09 -8.97
C SER B 135 14.29 4.07 -9.78
N SER B 136 13.65 5.07 -10.36
CA SER B 136 14.33 6.03 -11.20
C SER B 136 14.53 7.35 -10.47
N PRO B 137 15.71 7.95 -10.56
CA PRO B 137 16.01 9.21 -9.87
C PRO B 137 15.36 10.41 -10.53
N SER B 143 14.63 5.30 -20.82
CA SER B 143 15.99 5.37 -20.29
C SER B 143 16.45 4.01 -19.79
N GLN B 144 17.76 3.84 -19.67
CA GLN B 144 18.31 2.58 -19.19
C GLN B 144 17.87 2.27 -17.76
N GLY B 145 17.82 3.30 -16.92
CA GLY B 145 17.43 3.13 -15.53
C GLY B 145 15.95 3.07 -15.27
N LEU B 146 15.13 2.93 -16.31
CA LEU B 146 13.68 2.86 -16.13
C LEU B 146 13.17 1.45 -15.94
N TYR B 147 13.93 0.44 -16.36
CA TYR B 147 13.47 -0.94 -16.29
C TYR B 147 14.47 -1.79 -15.54
N PRO B 148 14.00 -2.71 -14.70
CA PRO B 148 14.93 -3.56 -13.96
C PRO B 148 15.62 -4.55 -14.87
N ASP B 149 16.83 -4.93 -14.49
CA ASP B 149 17.59 -5.90 -15.26
C ASP B 149 17.08 -7.31 -14.99
N PHE B 150 17.57 -8.27 -15.79
CA PHE B 150 17.09 -9.64 -15.67
C PHE B 150 17.44 -10.24 -14.32
N ALA B 151 18.53 -9.78 -13.70
CA ALA B 151 18.91 -10.30 -12.39
C ALA B 151 17.88 -9.94 -11.33
N HIS B 152 17.24 -8.78 -11.47
CA HIS B 152 16.22 -8.36 -10.51
C HIS B 152 14.84 -8.89 -10.85
N THR B 153 14.55 -9.13 -12.12
CA THR B 153 13.25 -9.66 -12.48
C THR B 153 13.21 -11.18 -12.32
N ASN B 154 14.30 -11.86 -12.63
CA ASN B 154 14.43 -13.31 -12.48
C ASN B 154 15.71 -13.60 -11.72
N PRO B 155 15.66 -13.55 -10.38
CA PRO B 155 16.90 -13.73 -9.60
C PRO B 155 17.37 -15.17 -9.56
N GLY B 156 16.50 -16.13 -9.83
CA GLY B 156 16.91 -17.51 -9.90
C GLY B 156 16.80 -18.22 -8.56
N LYS B 157 17.69 -19.18 -8.36
CA LYS B 157 17.69 -19.96 -7.14
C LYS B 157 18.10 -19.12 -5.92
N ASP B 158 18.83 -18.04 -6.14
CA ASP B 158 19.42 -17.27 -5.06
C ASP B 158 18.49 -16.22 -4.50
N GLY B 159 17.56 -15.71 -5.29
CA GLY B 159 16.73 -14.62 -4.85
C GLY B 159 17.44 -13.29 -4.93
N GLN B 160 16.70 -12.25 -4.60
CA GLN B 160 17.19 -10.88 -4.71
C GLN B 160 16.83 -10.11 -3.46
N GLU B 161 17.82 -9.46 -2.86
CA GLU B 161 17.54 -8.57 -1.74
C GLU B 161 16.66 -7.43 -2.18
N PHE B 162 15.65 -7.12 -1.37
CA PHE B 162 14.77 -6.01 -1.67
C PHE B 162 15.52 -4.70 -1.59
N ARG B 163 15.32 -3.86 -2.60
CA ARG B 163 15.87 -2.50 -2.54
C ARG B 163 15.00 -1.61 -1.67
N ASP B 164 13.69 -1.62 -1.92
CA ASP B 164 12.72 -0.84 -1.15
C ASP B 164 11.58 -1.76 -0.76
N PRO B 165 11.72 -2.49 0.35
CA PRO B 165 10.63 -3.37 0.78
C PRO B 165 9.35 -2.63 1.10
N TYR B 166 9.45 -1.35 1.47
CA TYR B 166 8.27 -0.55 1.77
C TYR B 166 7.30 -0.53 0.61
N VAL B 167 7.81 -0.38 -0.61
CA VAL B 167 7.00 -0.38 -1.82
C VAL B 167 7.09 -1.70 -2.57
N LEU B 168 7.61 -2.74 -1.93
CA LEU B 168 7.73 -4.08 -2.51
C LEU B 168 8.57 -4.10 -3.77
N ASP B 169 9.37 -3.06 -3.99
CA ASP B 169 10.08 -2.88 -5.26
C ASP B 169 9.12 -2.89 -6.44
N ALA B 170 7.88 -2.51 -6.19
CA ALA B 170 6.83 -2.52 -7.21
C ALA B 170 5.96 -1.29 -7.18
N GLY B 171 6.23 -0.31 -6.32
CA GLY B 171 5.38 0.84 -6.18
C GLY B 171 4.13 0.63 -5.35
N ILE B 172 3.82 -0.61 -4.98
CA ILE B 172 2.62 -0.91 -4.21
C ILE B 172 3.02 -0.99 -2.74
N PRO B 173 2.15 -0.57 -1.81
CA PRO B 173 2.54 -0.56 -0.41
C PRO B 173 2.70 -1.96 0.16
N LEU B 174 3.76 -2.14 0.95
CA LEU B 174 3.99 -3.42 1.61
C LEU B 174 2.91 -3.73 2.63
N SER B 175 2.34 -2.71 3.24
CA SER B 175 1.31 -2.92 4.24
C SER B 175 0.06 -3.56 3.67
N GLN B 176 -0.15 -3.47 2.37
CA GLN B 176 -1.27 -4.12 1.71
C GLN B 176 -0.86 -5.40 1.01
N ALA B 177 0.39 -5.85 1.18
CA ALA B 177 0.79 -7.12 0.62
C ALA B 177 0.08 -8.30 1.27
N LEU B 178 -0.60 -8.07 2.39
CA LEU B 178 -1.40 -9.11 3.02
C LEU B 178 -2.65 -9.43 2.23
N ILE B 179 -2.93 -8.70 1.16
CA ILE B 179 -3.99 -9.07 0.23
C ILE B 179 -3.60 -10.30 -0.57
N PHE B 180 -2.32 -10.63 -0.60
CA PHE B 180 -1.84 -11.84 -1.25
C PHE B 180 -1.78 -12.97 -0.24
N PRO B 181 -1.80 -14.21 -0.71
CA PRO B 181 -1.63 -15.35 0.21
C PRO B 181 -0.32 -15.21 0.97
N HIS B 182 -0.44 -15.10 2.28
CA HIS B 182 0.69 -14.76 3.12
C HIS B 182 0.61 -15.53 4.42
N GLN B 183 1.77 -15.69 5.05
CA GLN B 183 1.86 -16.01 6.46
C GLN B 183 2.91 -15.11 7.07
N TRP B 184 2.97 -15.11 8.39
CA TRP B 184 4.03 -14.45 9.12
C TRP B 184 4.93 -15.49 9.76
N ILE B 185 6.21 -15.16 9.87
CA ILE B 185 7.07 -15.90 10.78
C ILE B 185 7.41 -14.98 11.93
N ASN B 186 6.58 -14.99 12.97
CA ASN B 186 6.86 -14.28 14.20
C ASN B 186 7.65 -15.23 15.08
N LEU B 187 8.91 -14.88 15.37
CA LEU B 187 9.84 -15.83 15.97
C LEU B 187 9.33 -16.35 17.31
N ARG B 188 8.54 -15.57 18.03
CA ARG B 188 7.98 -16.06 19.28
C ARG B 188 6.88 -17.08 19.07
N THR B 189 6.28 -17.11 17.90
CA THR B 189 5.08 -17.91 17.65
C THR B 189 5.30 -19.08 16.70
N ASN B 190 6.09 -18.90 15.64
CA ASN B 190 6.24 -19.95 14.64
C ASN B 190 7.60 -19.81 13.97
N ASN B 191 8.12 -20.95 13.52
CA ASN B 191 9.42 -21.01 12.86
C ASN B 191 9.31 -21.33 11.38
N CYS B 192 8.10 -21.44 10.85
CA CYS B 192 7.92 -21.79 9.45
C CYS B 192 6.69 -21.07 8.91
N ALA B 193 6.60 -21.01 7.59
CA ALA B 193 5.44 -20.46 6.91
C ALA B 193 5.17 -21.29 5.67
N THR B 194 3.94 -21.76 5.52
CA THR B 194 3.58 -22.65 4.43
C THR B 194 2.44 -22.04 3.65
N ILE B 195 2.69 -21.79 2.36
CA ILE B 195 1.68 -21.27 1.45
C ILE B 195 1.53 -22.26 0.32
N ILE B 196 0.35 -22.86 0.19
CA ILE B 196 0.00 -23.70 -0.95
C ILE B 196 -0.70 -22.81 -1.98
N MET B 197 -0.13 -22.72 -3.17
CA MET B 197 -0.60 -21.83 -4.20
C MET B 197 -1.01 -22.62 -5.44
N PRO B 198 -2.23 -22.49 -5.93
CA PRO B 198 -2.59 -23.16 -7.19
C PRO B 198 -1.95 -22.49 -8.40
N TYR B 199 -2.23 -22.96 -9.59
CA TYR B 199 -1.73 -22.32 -10.80
C TYR B 199 -2.62 -21.15 -11.14
N ILE B 200 -2.09 -19.94 -11.05
CA ILE B 200 -2.81 -18.72 -11.40
C ILE B 200 -2.21 -18.15 -12.66
N ASN B 201 -3.02 -18.04 -13.71
CA ASN B 201 -2.62 -17.41 -14.96
C ASN B 201 -3.87 -17.22 -15.80
N ALA B 202 -3.79 -16.25 -16.72
CA ALA B 202 -4.84 -16.08 -17.70
C ALA B 202 -4.79 -17.11 -18.81
N LEU B 203 -3.79 -17.99 -18.78
CA LEU B 203 -3.57 -19.05 -19.74
C LEU B 203 -3.52 -20.39 -19.00
N PRO B 204 -4.01 -21.47 -19.62
CA PRO B 204 -3.90 -22.78 -18.96
C PRO B 204 -2.47 -23.24 -18.77
N PHE B 205 -1.62 -23.05 -19.76
CA PHE B 205 -0.21 -23.33 -19.67
C PHE B 205 0.58 -22.09 -20.03
N ASP B 206 1.84 -22.06 -19.65
CA ASP B 206 2.69 -20.94 -20.03
C ASP B 206 4.15 -21.37 -19.95
N SER B 207 5.02 -20.54 -20.48
CA SER B 207 6.45 -20.83 -20.47
C SER B 207 7.01 -20.69 -19.06
N ALA B 208 7.71 -21.71 -18.60
CA ALA B 208 8.37 -21.64 -17.30
C ALA B 208 9.59 -20.74 -17.31
N LEU B 209 10.08 -20.35 -18.48
CA LEU B 209 11.23 -19.47 -18.61
C LEU B 209 10.84 -18.03 -18.87
N ASN B 210 9.82 -17.82 -19.70
CA ASN B 210 9.40 -16.48 -20.04
C ASN B 210 8.56 -15.83 -18.95
N HIS B 211 7.74 -16.62 -18.25
CA HIS B 211 6.75 -16.09 -17.34
C HIS B 211 7.03 -16.58 -15.92
N SER B 212 6.98 -15.67 -14.97
CA SER B 212 7.04 -16.00 -13.54
C SER B 212 5.63 -15.79 -12.99
N ASN B 213 4.98 -16.88 -12.61
CA ASN B 213 3.58 -16.80 -12.21
C ASN B 213 3.42 -16.12 -10.85
N PHE B 214 4.36 -16.33 -9.94
CA PHE B 214 4.24 -15.80 -8.59
C PHE B 214 5.59 -15.30 -8.11
N GLY B 215 5.57 -14.23 -7.35
CA GLY B 215 6.72 -13.83 -6.58
C GLY B 215 6.63 -14.41 -5.18
N LEU B 216 7.80 -14.63 -4.58
CA LEU B 216 7.90 -15.24 -3.26
C LEU B 216 8.70 -14.30 -2.39
N VAL B 217 8.01 -13.45 -1.63
CA VAL B 217 8.64 -12.39 -0.84
C VAL B 217 8.76 -12.84 0.61
N VAL B 218 9.89 -12.52 1.22
CA VAL B 218 10.13 -12.74 2.64
C VAL B 218 10.73 -11.45 3.18
N ILE B 219 9.91 -10.60 3.77
CA ILE B 219 10.29 -9.26 4.19
C ILE B 219 10.24 -9.19 5.72
N PRO B 220 11.33 -8.82 6.37
CA PRO B 220 11.26 -8.56 7.82
C PRO B 220 10.48 -7.30 8.13
N ILE B 221 9.32 -7.43 8.75
CA ILE B 221 8.58 -6.26 9.19
C ILE B 221 9.07 -5.78 10.54
N SER B 222 9.15 -6.69 11.52
CA SER B 222 9.76 -6.39 12.79
C SER B 222 11.18 -6.90 12.78
N PRO B 223 12.18 -6.06 13.02
CA PRO B 223 13.56 -6.46 12.76
C PRO B 223 14.09 -7.44 13.78
N LEU B 224 15.04 -8.25 13.32
CA LEU B 224 15.67 -9.27 14.15
C LEU B 224 16.48 -8.61 15.24
N LYS B 225 16.02 -8.70 16.48
CA LYS B 225 16.75 -8.21 17.63
C LYS B 225 17.02 -9.37 18.58
N TYR B 226 18.26 -9.46 19.06
CA TYR B 226 18.67 -10.40 20.08
C TYR B 226 19.64 -9.69 20.99
N CYS B 227 20.15 -10.41 21.99
CA CYS B 227 21.11 -9.86 22.91
C CYS B 227 22.46 -10.54 22.74
N ASN B 228 23.49 -9.94 23.34
CA ASN B 228 24.83 -10.48 23.22
C ASN B 228 24.91 -11.85 23.87
N GLY B 229 25.34 -12.83 23.10
CA GLY B 229 25.35 -14.21 23.53
C GLY B 229 24.39 -15.09 22.77
N ALA B 230 23.46 -14.49 22.04
CA ALA B 230 22.53 -15.25 21.21
C ALA B 230 23.16 -15.54 19.86
N THR B 231 22.66 -16.60 19.23
CA THR B 231 23.15 -16.97 17.92
C THR B 231 22.85 -15.86 16.92
N THR B 232 23.90 -15.26 16.38
CA THR B 232 23.76 -14.12 15.50
C THR B 232 23.32 -14.52 14.10
N GLU B 233 23.62 -15.74 13.68
CA GLU B 233 23.30 -16.21 12.34
C GLU B 233 21.96 -16.92 12.38
N VAL B 234 20.90 -16.16 12.07
CA VAL B 234 19.55 -16.71 11.99
C VAL B 234 19.20 -16.85 10.52
N PRO B 235 19.26 -18.06 9.96
CA PRO B 235 19.02 -18.23 8.53
C PRO B 235 17.54 -18.35 8.20
N ILE B 236 17.23 -17.99 6.96
CA ILE B 236 15.91 -18.16 6.38
C ILE B 236 16.05 -19.07 5.18
N THR B 237 15.39 -20.22 5.23
CA THR B 237 15.51 -21.25 4.19
C THR B 237 14.21 -21.33 3.42
N LEU B 238 14.32 -21.36 2.10
CA LEU B 238 13.17 -21.46 1.21
C LEU B 238 13.12 -22.87 0.62
N THR B 239 12.07 -23.61 0.93
CA THR B 239 11.83 -24.93 0.38
C THR B 239 10.49 -24.92 -0.33
N ILE B 240 10.49 -25.14 -1.63
CA ILE B 240 9.29 -25.11 -2.43
C ILE B 240 9.10 -26.44 -3.13
N ALA B 241 7.84 -26.85 -3.28
CA ALA B 241 7.49 -28.11 -3.92
C ALA B 241 6.47 -27.83 -5.01
N PRO B 242 6.78 -28.08 -6.28
CA PRO B 242 5.76 -28.03 -7.31
C PRO B 242 4.64 -29.02 -7.00
N LEU B 243 3.44 -28.66 -7.45
CA LEU B 243 2.27 -29.52 -7.24
C LEU B 243 1.50 -29.59 -8.54
N ASN B 244 1.28 -30.80 -9.03
CA ASN B 244 0.55 -31.04 -10.27
C ASN B 244 1.25 -30.41 -11.46
N SER B 245 2.55 -30.66 -11.56
CA SER B 245 3.35 -30.13 -12.65
C SER B 245 2.99 -30.82 -13.96
N GLU B 246 2.48 -30.05 -14.91
CA GLU B 246 2.26 -30.51 -16.26
C GLU B 246 3.22 -29.81 -17.20
N PHE B 247 3.71 -30.53 -18.20
CA PHE B 247 4.60 -29.96 -19.20
C PHE B 247 4.15 -30.43 -20.56
N SER B 248 4.04 -29.49 -21.50
CA SER B 248 3.71 -29.81 -22.88
C SER B 248 4.63 -29.04 -23.81
N GLY B 249 4.63 -29.44 -25.08
CA GLY B 249 5.44 -28.78 -26.08
C GLY B 249 6.89 -29.22 -26.06
N LEU B 250 7.12 -30.53 -26.08
CA LEU B 250 8.48 -31.05 -26.01
C LEU B 250 9.29 -30.60 -27.20
N ARG B 251 10.50 -30.12 -26.93
CA ARG B 251 11.43 -29.69 -27.96
C ARG B 251 12.83 -29.73 -27.36
N GLN B 252 13.78 -29.11 -28.07
CA GLN B 252 15.13 -28.98 -27.55
C GLN B 252 15.13 -28.13 -26.28
N ALA B 253 16.03 -28.47 -25.35
CA ALA B 253 16.08 -27.78 -24.08
C ALA B 253 16.56 -26.34 -24.26
N ILE B 254 15.80 -25.40 -23.71
CA ILE B 254 16.14 -23.99 -23.73
C ILE B 254 16.35 -23.53 -22.29
N LYS B 255 17.41 -22.76 -22.06
CA LYS B 255 17.74 -22.33 -20.71
C LYS B 255 17.02 -21.04 -20.34
N GLY C 1 -42.89 6.57 -39.00
CA GLY C 1 -42.67 7.75 -38.19
C GLY C 1 -43.44 7.73 -36.88
N PHE C 2 -43.03 6.86 -35.98
CA PHE C 2 -43.65 6.78 -34.68
C PHE C 2 -43.41 8.06 -33.89
N PRO C 3 -44.46 8.76 -33.44
CA PRO C 3 -44.27 10.06 -32.78
C PRO C 3 -43.51 9.92 -31.47
N THR C 4 -42.36 10.57 -31.39
CA THR C 4 -41.55 10.65 -30.19
C THR C 4 -41.28 12.11 -29.85
N GLU C 5 -40.76 12.34 -28.65
CA GLU C 5 -40.44 13.68 -28.18
C GLU C 5 -39.18 13.59 -27.34
N LEU C 6 -38.11 14.22 -27.82
CA LEU C 6 -36.85 14.19 -27.09
C LEU C 6 -36.96 14.99 -25.80
N LYS C 7 -36.55 14.39 -24.71
CA LYS C 7 -36.60 15.01 -23.39
C LYS C 7 -35.24 15.58 -23.04
N PRO C 8 -35.16 16.41 -22.01
CA PRO C 8 -33.85 16.86 -21.54
C PRO C 8 -32.97 15.67 -21.19
N GLY C 9 -31.68 15.86 -21.38
CA GLY C 9 -30.74 14.78 -21.26
C GLY C 9 -30.43 14.08 -22.56
N THR C 10 -31.00 14.52 -23.68
CA THR C 10 -30.62 13.98 -24.97
C THR C 10 -29.24 14.48 -25.36
N ASN C 11 -28.45 13.60 -25.96
CA ASN C 11 -27.09 13.85 -26.44
C ASN C 11 -26.07 13.96 -25.30
N GLN C 12 -26.50 13.92 -24.05
CA GLN C 12 -25.56 13.97 -22.94
C GLN C 12 -24.80 12.65 -22.85
N PHE C 13 -23.53 12.75 -22.47
CA PHE C 13 -22.72 11.58 -22.18
C PHE C 13 -22.51 11.54 -20.67
N LEU C 14 -23.46 10.93 -19.97
CA LEU C 14 -23.28 10.61 -18.57
C LEU C 14 -22.32 9.42 -18.45
N THR C 15 -21.21 9.62 -17.75
CA THR C 15 -20.17 8.60 -17.72
C THR C 15 -20.56 7.37 -16.94
N THR C 16 -21.59 7.45 -16.09
CA THR C 16 -22.04 6.32 -15.29
C THR C 16 -23.39 5.79 -15.77
N ASP C 17 -23.64 5.85 -17.08
CA ASP C 17 -24.88 5.39 -17.66
C ASP C 17 -24.68 3.99 -18.21
N ASP C 18 -25.40 3.02 -17.63
CA ASP C 18 -25.34 1.65 -18.09
C ASP C 18 -26.39 1.46 -19.16
N GLY C 19 -26.00 1.73 -20.41
CA GLY C 19 -26.88 1.57 -21.54
C GLY C 19 -26.22 0.72 -22.61
N THR C 20 -27.02 0.37 -23.61
CA THR C 20 -26.51 -0.41 -24.72
C THR C 20 -25.67 0.46 -25.64
N SER C 21 -24.89 -0.19 -26.49
CA SER C 21 -24.00 0.49 -27.42
C SER C 21 -23.72 -0.48 -28.56
N PRO C 22 -23.59 -0.01 -29.79
CA PRO C 22 -23.50 -0.92 -30.93
C PRO C 22 -22.18 -1.68 -30.93
N PRO C 23 -22.22 -2.99 -31.05
CA PRO C 23 -20.98 -3.79 -31.07
C PRO C 23 -20.17 -3.50 -32.33
N ILE C 24 -18.87 -3.30 -32.13
CA ILE C 24 -17.98 -3.05 -33.27
C ILE C 24 -17.74 -4.31 -34.07
N LEU C 25 -17.74 -5.47 -33.42
CA LEU C 25 -17.39 -6.74 -34.06
C LEU C 25 -18.59 -7.67 -34.05
N PRO C 26 -19.30 -7.80 -35.17
CA PRO C 26 -20.42 -8.73 -35.21
C PRO C 26 -19.95 -10.17 -35.21
N GLY C 27 -20.66 -11.01 -34.48
CA GLY C 27 -20.33 -12.42 -34.42
C GLY C 27 -19.10 -12.75 -33.62
N PHE C 28 -18.52 -11.78 -32.93
CA PHE C 28 -17.29 -12.02 -32.17
C PHE C 28 -17.57 -12.91 -30.98
N GLU C 29 -16.84 -14.01 -30.88
CA GLU C 29 -16.88 -14.87 -29.73
C GLU C 29 -15.55 -14.75 -29.00
N PRO C 30 -15.53 -14.28 -27.76
CA PRO C 30 -14.25 -14.05 -27.08
C PRO C 30 -13.57 -15.37 -26.73
N THR C 31 -12.34 -15.23 -26.24
CA THR C 31 -11.59 -16.38 -25.78
C THR C 31 -12.37 -17.08 -24.67
N PRO C 32 -12.42 -18.41 -24.68
CA PRO C 32 -13.15 -19.12 -23.63
C PRO C 32 -12.70 -18.73 -22.24
N LEU C 33 -13.68 -18.58 -21.34
CA LEU C 33 -13.42 -18.26 -19.96
C LEU C 33 -13.00 -19.50 -19.21
N ILE C 34 -11.77 -19.50 -18.70
CA ILE C 34 -11.26 -20.61 -17.91
C ILE C 34 -11.23 -20.18 -16.45
N HIS C 35 -11.09 -21.15 -15.56
CA HIS C 35 -11.06 -20.87 -14.14
C HIS C 35 -9.71 -20.31 -13.73
N ILE C 36 -9.73 -19.14 -13.09
CA ILE C 36 -8.55 -18.53 -12.50
C ILE C 36 -8.80 -18.41 -11.00
N PRO C 37 -7.90 -18.89 -10.16
CA PRO C 37 -8.07 -18.69 -8.72
C PRO C 37 -8.00 -17.21 -8.34
N GLY C 38 -8.81 -16.84 -7.37
CA GLY C 38 -8.77 -15.52 -6.80
C GLY C 38 -9.74 -14.50 -7.35
N GLU C 39 -10.90 -14.93 -7.82
CA GLU C 39 -11.89 -13.99 -8.32
C GLU C 39 -12.56 -13.29 -7.15
N PHE C 40 -12.55 -11.96 -7.15
CA PHE C 40 -13.30 -11.19 -6.19
C PHE C 40 -14.40 -10.43 -6.91
N THR C 41 -15.59 -10.43 -6.30
CA THR C 41 -16.77 -9.79 -6.86
C THR C 41 -17.21 -8.56 -6.10
N SER C 42 -16.73 -8.39 -4.87
CA SER C 42 -17.10 -7.26 -4.03
C SER C 42 -15.83 -6.65 -3.46
N LEU C 43 -15.81 -5.32 -3.38
CA LEU C 43 -14.73 -4.64 -2.69
C LEU C 43 -14.86 -4.75 -1.19
N LEU C 44 -16.06 -5.07 -0.68
CA LEU C 44 -16.20 -5.32 0.75
C LEU C 44 -15.44 -6.55 1.18
N ASP C 45 -15.36 -7.56 0.32
CA ASP C 45 -14.57 -8.74 0.65
C ASP C 45 -13.10 -8.40 0.78
N LEU C 46 -12.65 -7.34 0.09
CA LEU C 46 -11.27 -6.90 0.18
C LEU C 46 -11.04 -6.06 1.42
N CYS C 47 -12.05 -5.30 1.83
CA CYS C 47 -11.94 -4.47 3.03
C CYS C 47 -11.87 -5.32 4.29
N GLN C 48 -12.28 -6.58 4.23
CA GLN C 48 -12.24 -7.47 5.38
C GLN C 48 -10.92 -8.21 5.49
N VAL C 49 -9.95 -7.92 4.62
CA VAL C 49 -8.64 -8.53 4.70
C VAL C 49 -7.76 -7.63 5.56
N GLU C 50 -7.21 -8.20 6.63
CA GLU C 50 -6.42 -7.43 7.56
C GLU C 50 -5.11 -7.01 6.93
N THR C 51 -4.87 -5.70 6.84
CA THR C 51 -3.65 -5.14 6.29
C THR C 51 -3.01 -4.24 7.35
N ILE C 52 -1.70 -4.04 7.22
CA ILE C 52 -0.94 -3.40 8.29
C ILE C 52 -1.33 -1.93 8.39
N LEU C 53 -1.55 -1.47 9.63
CA LEU C 53 -1.73 -0.05 9.89
C LEU C 53 -0.37 0.61 10.03
N GLU C 54 -0.22 1.76 9.41
CA GLU C 54 1.00 2.55 9.52
C GLU C 54 0.87 3.48 10.72
N VAL C 55 0.88 2.86 11.90
CA VAL C 55 0.64 3.63 13.12
C VAL C 55 1.85 4.49 13.45
N ASN C 56 3.03 4.10 13.01
CA ASN C 56 4.22 4.91 13.23
C ASN C 56 4.47 5.83 12.05
N ASN C 57 3.43 6.55 11.64
CA ASN C 57 3.52 7.50 10.55
C ASN C 57 3.99 8.83 11.11
N THR C 58 5.22 8.82 11.59
CA THR C 58 5.78 9.96 12.30
C THR C 58 6.91 10.58 11.47
N THR C 59 7.09 11.88 11.66
CA THR C 59 8.12 12.61 10.92
C THR C 59 9.49 12.09 11.28
N GLY C 60 10.22 11.61 10.29
CA GLY C 60 11.54 11.06 10.51
C GLY C 60 11.60 9.57 10.24
N THR C 61 10.59 8.84 10.69
CA THR C 61 10.54 7.40 10.46
C THR C 61 10.33 7.11 8.99
N THR C 62 11.09 6.14 8.47
CA THR C 62 11.05 5.80 7.06
C THR C 62 10.90 4.30 6.90
N GLY C 63 10.22 3.91 5.82
CA GLY C 63 10.21 2.51 5.41
C GLY C 63 9.33 1.64 6.30
N VAL C 64 9.74 0.38 6.41
CA VAL C 64 8.98 -0.61 7.15
C VAL C 64 8.88 -0.24 8.63
N SER C 65 9.73 0.65 9.11
CA SER C 65 9.67 1.07 10.50
C SER C 65 8.42 1.89 10.81
N ARG C 66 7.80 2.47 9.78
CA ARG C 66 6.52 3.16 9.97
C ARG C 66 5.39 2.20 10.27
N LEU C 67 5.59 0.91 10.07
CA LEU C 67 4.57 -0.09 10.32
C LEU C 67 4.62 -0.64 11.75
N LEU C 68 5.64 -0.30 12.52
CA LEU C 68 5.87 -0.90 13.82
C LEU C 68 5.45 0.03 14.93
N ILE C 69 4.78 -0.51 15.93
CA ILE C 69 4.46 0.21 17.15
C ILE C 69 5.45 -0.21 18.23
N PRO C 70 6.45 0.62 18.54
CA PRO C 70 7.45 0.22 19.52
C PRO C 70 6.83 0.00 20.89
N VAL C 71 7.21 -1.10 21.53
CA VAL C 71 6.77 -1.44 22.87
C VAL C 71 7.99 -1.89 23.65
N ARG C 72 8.19 -1.28 24.82
CA ARG C 72 9.38 -1.53 25.60
C ARG C 72 9.03 -1.58 27.08
N ALA C 73 9.98 -2.06 27.86
CA ALA C 73 9.84 -2.05 29.31
C ALA C 73 9.76 -0.61 29.80
N GLN C 74 8.76 -0.34 30.63
CA GLN C 74 8.50 1.01 31.12
C GLN C 74 9.08 1.18 32.50
N ASN C 75 9.52 2.41 32.80
CA ASN C 75 9.96 2.75 34.13
C ASN C 75 8.84 3.32 34.98
N ASN C 76 7.76 3.76 34.36
CA ASN C 76 6.56 4.25 35.03
C ASN C 76 5.40 3.35 34.68
N VAL C 77 4.25 3.60 35.32
CA VAL C 77 3.07 2.77 35.15
C VAL C 77 2.00 3.54 34.39
N ASP C 78 1.17 2.80 33.65
CA ASP C 78 0.03 3.36 32.93
C ASP C 78 0.46 4.46 31.97
N GLN C 79 1.34 4.10 31.04
CA GLN C 79 1.87 5.02 30.05
C GLN C 79 1.26 4.71 28.68
N LEU C 80 1.19 5.74 27.85
CA LEU C 80 0.61 5.59 26.52
C LEU C 80 1.65 5.02 25.57
N CYS C 81 1.31 3.90 24.92
CA CYS C 81 2.18 3.32 23.92
C CYS C 81 1.98 3.99 22.57
N ALA C 82 0.75 3.98 22.06
CA ALA C 82 0.45 4.59 20.78
C ALA C 82 -1.01 5.00 20.75
N SER C 83 -1.32 5.93 19.88
CA SER C 83 -2.70 6.29 19.60
C SER C 83 -2.86 6.55 18.12
N PHE C 84 -4.04 6.26 17.61
CA PHE C 84 -4.39 6.59 16.24
C PHE C 84 -5.91 6.68 16.14
N GLN C 85 -6.36 7.55 15.24
CA GLN C 85 -7.78 7.66 14.96
C GLN C 85 -8.23 6.52 14.07
N VAL C 86 -9.52 6.23 14.11
CA VAL C 86 -10.06 5.07 13.41
C VAL C 86 -11.02 5.52 12.33
N ASP C 87 -10.77 6.69 11.76
CA ASP C 87 -11.48 7.13 10.58
C ASP C 87 -10.79 6.54 9.37
N PRO C 88 -11.37 5.54 8.70
CA PRO C 88 -10.61 4.83 7.66
C PRO C 88 -10.27 5.67 6.45
N GLY C 89 -10.94 6.79 6.26
CA GLY C 89 -10.64 7.70 5.16
C GLY C 89 -9.83 8.90 5.54
N ARG C 90 -9.27 8.94 6.74
CA ARG C 90 -8.47 10.06 7.19
C ARG C 90 -7.00 9.81 6.88
N ASN C 91 -6.28 10.89 6.57
CA ASN C 91 -4.84 10.82 6.43
C ASN C 91 -4.21 10.34 7.73
N GLY C 92 -3.49 9.22 7.65
CA GLY C 92 -2.91 8.62 8.82
C GLY C 92 -2.71 7.14 8.65
N PRO C 93 -2.70 6.39 9.75
CA PRO C 93 -2.37 4.97 9.67
C PRO C 93 -3.27 4.18 8.74
N TRP C 94 -4.54 4.55 8.60
CA TRP C 94 -5.45 3.78 7.77
C TRP C 94 -5.19 3.92 6.29
N GLN C 95 -4.39 4.91 5.87
CA GLN C 95 -4.06 5.03 4.46
C GLN C 95 -3.30 3.82 3.95
N SER C 96 -2.59 3.13 4.84
CA SER C 96 -1.80 1.97 4.47
C SER C 96 -2.62 0.68 4.43
N THR C 97 -3.93 0.78 4.53
CA THR C 97 -4.79 -0.39 4.61
C THR C 97 -5.64 -0.51 3.36
N MET C 98 -5.99 -1.74 3.01
CA MET C 98 -6.89 -1.97 1.88
C MET C 98 -8.27 -1.40 2.16
N VAL C 99 -8.73 -1.51 3.41
CA VAL C 99 -10.02 -0.92 3.76
C VAL C 99 -9.96 0.59 3.66
N GLY C 100 -8.85 1.19 4.12
CA GLY C 100 -8.72 2.63 4.06
C GLY C 100 -8.48 3.17 2.68
N GLN C 101 -8.05 2.34 1.74
CA GLN C 101 -7.88 2.76 0.36
C GLN C 101 -9.10 2.49 -0.49
N ILE C 102 -9.89 1.47 -0.12
CA ILE C 102 -11.15 1.26 -0.81
C ILE C 102 -12.21 2.21 -0.29
N CYS C 103 -12.11 2.61 0.98
CA CYS C 103 -13.01 3.63 1.51
C CYS C 103 -12.87 4.94 0.73
N ARG C 104 -11.66 5.28 0.32
CA ARG C 104 -11.42 6.55 -0.36
C ARG C 104 -11.93 6.54 -1.79
N TYR C 105 -12.39 5.41 -2.30
CA TYR C 105 -13.14 5.35 -3.54
C TYR C 105 -14.64 5.51 -3.30
N TYR C 106 -15.04 5.77 -2.06
CA TYR C 106 -16.43 5.88 -1.70
C TYR C 106 -16.60 7.10 -0.80
N THR C 107 -17.80 7.66 -0.81
CA THR C 107 -18.05 8.88 -0.04
C THR C 107 -18.42 8.59 1.40
N GLN C 108 -19.24 7.58 1.63
CA GLN C 108 -19.76 7.26 2.94
C GLN C 108 -19.47 5.80 3.25
N TRP C 109 -19.21 5.51 4.51
CA TRP C 109 -18.94 4.15 4.96
C TRP C 109 -19.75 3.85 6.20
N SER C 110 -19.94 2.56 6.46
CA SER C 110 -20.65 2.11 7.63
C SER C 110 -20.12 0.75 8.03
N GLY C 111 -20.24 0.43 9.31
CA GLY C 111 -19.87 -0.88 9.77
C GLY C 111 -18.79 -0.88 10.84
N SER C 112 -18.69 -1.98 11.55
CA SER C 112 -17.65 -2.13 12.54
C SER C 112 -16.30 -2.32 11.86
N LEU C 113 -15.27 -1.76 12.46
CA LEU C 113 -13.90 -1.98 12.03
C LEU C 113 -13.25 -2.99 12.96
N LYS C 114 -11.96 -3.23 12.74
CA LYS C 114 -11.24 -4.23 13.50
C LYS C 114 -9.75 -3.99 13.30
N VAL C 115 -9.02 -3.89 14.41
CA VAL C 115 -7.57 -3.83 14.38
C VAL C 115 -7.04 -5.06 15.09
N THR C 116 -6.22 -5.83 14.39
CA THR C 116 -5.59 -7.02 14.95
C THR C 116 -4.15 -6.67 15.27
N PHE C 117 -3.83 -6.60 16.56
CA PHE C 117 -2.49 -6.27 17.01
C PHE C 117 -1.71 -7.56 17.22
N MET C 118 -0.57 -7.67 16.55
CA MET C 118 0.31 -8.82 16.70
C MET C 118 1.58 -8.37 17.41
N PHE C 119 1.95 -9.08 18.46
CA PHE C 119 3.14 -8.77 19.24
C PHE C 119 4.33 -9.52 18.68
N THR C 120 5.39 -8.79 18.38
CA THR C 120 6.55 -9.34 17.71
C THR C 120 7.80 -9.25 18.58
N GLY C 121 7.64 -9.48 19.87
CA GLY C 121 8.75 -9.59 20.79
C GLY C 121 9.18 -11.02 20.97
N SER C 122 10.09 -11.22 21.90
CA SER C 122 10.59 -12.56 22.17
C SER C 122 9.52 -13.37 22.89
N PHE C 123 9.65 -14.70 22.78
CA PHE C 123 8.76 -15.58 23.52
C PHE C 123 8.80 -15.29 25.01
N MET C 124 9.95 -14.88 25.51
CA MET C 124 10.11 -14.58 26.93
C MET C 124 9.58 -13.21 27.32
N ALA C 125 9.17 -12.39 26.35
CA ALA C 125 8.64 -11.07 26.65
C ALA C 125 7.17 -11.20 27.04
N THR C 126 6.84 -10.69 28.23
CA THR C 126 5.47 -10.70 28.71
C THR C 126 4.98 -9.27 28.86
N GLY C 127 3.67 -9.11 28.80
CA GLY C 127 3.07 -7.82 29.04
C GLY C 127 1.58 -7.90 28.94
N LYS C 128 0.93 -6.80 29.32
CA LYS C 128 -0.50 -6.64 29.16
C LYS C 128 -0.76 -5.22 28.69
N MET C 129 -1.50 -5.07 27.60
CA MET C 129 -1.82 -3.78 27.02
C MET C 129 -3.31 -3.54 27.09
N LEU C 130 -3.69 -2.32 27.45
CA LEU C 130 -5.08 -1.89 27.35
C LEU C 130 -5.20 -1.09 26.07
N ILE C 131 -5.97 -1.60 25.12
CA ILE C 131 -6.20 -0.94 23.85
C ILE C 131 -7.65 -0.45 23.87
N ALA C 132 -7.82 0.87 23.94
CA ALA C 132 -9.12 1.48 24.15
C ALA C 132 -9.55 2.20 22.89
N TYR C 133 -10.81 1.98 22.50
CA TYR C 133 -11.44 2.76 21.45
C TYR C 133 -12.35 3.80 22.11
N THR C 134 -12.03 5.06 21.90
CA THR C 134 -12.79 6.15 22.49
C THR C 134 -13.79 6.66 21.48
N PRO C 135 -15.09 6.54 21.73
CA PRO C 135 -16.10 7.04 20.80
C PRO C 135 -15.98 8.54 20.62
N PRO C 136 -16.70 9.11 19.65
CA PRO C 136 -16.59 10.55 19.39
C PRO C 136 -16.98 11.40 20.60
N GLY C 137 -16.51 12.64 20.57
CA GLY C 137 -16.82 13.59 21.62
C GLY C 137 -15.61 13.92 22.46
N SER C 138 -14.80 12.90 22.72
CA SER C 138 -13.61 13.02 23.55
C SER C 138 -12.37 13.02 22.66
N ALA C 139 -11.44 13.90 22.98
CA ALA C 139 -10.12 13.82 22.38
C ALA C 139 -9.42 12.56 22.87
N GLN C 140 -8.22 12.33 22.36
CA GLN C 140 -7.42 11.21 22.80
C GLN C 140 -7.31 11.21 24.32
N PRO C 141 -7.65 10.11 24.98
CA PRO C 141 -7.60 10.10 26.45
C PRO C 141 -6.22 10.44 26.96
N THR C 142 -6.18 11.28 28.00
CA THR C 142 -4.91 11.71 28.57
C THR C 142 -4.35 10.69 29.54
N THR C 143 -5.18 9.83 30.11
CA THR C 143 -4.72 8.79 31.01
C THR C 143 -5.41 7.49 30.65
N ARG C 144 -4.87 6.39 31.17
CA ARG C 144 -5.50 5.10 30.97
C ARG C 144 -6.81 4.99 31.72
N GLU C 145 -6.92 5.65 32.88
CA GLU C 145 -8.16 5.63 33.64
C GLU C 145 -9.29 6.27 32.85
N ALA C 146 -8.98 7.27 32.03
CA ALA C 146 -10.01 7.87 31.19
C ALA C 146 -10.29 7.05 29.96
N ALA C 147 -9.30 6.31 29.46
CA ALA C 147 -9.49 5.52 28.25
C ALA C 147 -10.32 4.29 28.51
N MET C 148 -10.21 3.69 29.70
CA MET C 148 -10.92 2.46 29.97
C MET C 148 -12.42 2.67 30.11
N LEU C 149 -12.88 3.92 30.06
CA LEU C 149 -14.31 4.18 30.09
C LEU C 149 -14.99 3.84 28.77
N GLY C 150 -14.22 3.60 27.71
CA GLY C 150 -14.76 3.25 26.43
C GLY C 150 -14.47 1.79 26.07
N THR C 151 -14.89 1.44 24.85
CA THR C 151 -14.68 0.09 24.35
C THR C 151 -13.20 -0.24 24.36
N HIS C 152 -12.82 -1.21 25.19
CA HIS C 152 -11.41 -1.55 25.32
C HIS C 152 -11.23 -3.04 25.52
N ILE C 153 -10.03 -3.51 25.22
CA ILE C 153 -9.62 -4.89 25.44
C ILE C 153 -8.32 -4.86 26.21
N VAL C 154 -8.20 -5.72 27.20
CA VAL C 154 -6.93 -5.95 27.88
C VAL C 154 -6.24 -7.12 27.20
N TRP C 155 -5.08 -6.86 26.64
CA TRP C 155 -4.38 -7.81 25.78
C TRP C 155 -3.22 -8.43 26.55
N ASP C 156 -3.32 -9.71 26.83
CA ASP C 156 -2.25 -10.45 27.49
C ASP C 156 -1.35 -11.09 26.45
N PHE C 157 -0.07 -10.76 26.47
CA PHE C 157 0.89 -11.40 25.58
C PHE C 157 1.03 -12.87 25.96
N GLY C 158 1.06 -13.73 24.96
CA GLY C 158 1.19 -15.15 25.21
C GLY C 158 1.39 -15.99 23.98
N LEU C 159 0.91 -17.22 24.00
CA LEU C 159 1.12 -18.12 22.87
C LEU C 159 0.29 -17.69 21.67
N GLN C 160 -0.86 -17.09 21.89
CA GLN C 160 -1.62 -16.44 20.82
C GLN C 160 -1.14 -15.00 20.73
N SER C 161 -0.31 -14.71 19.74
CA SER C 161 0.40 -13.44 19.66
C SER C 161 -0.49 -12.28 19.22
N SER C 162 -1.70 -12.55 18.78
CA SER C 162 -2.54 -11.52 18.20
C SER C 162 -3.82 -11.35 19.01
N VAL C 163 -4.37 -10.15 18.95
CA VAL C 163 -5.65 -9.83 19.58
C VAL C 163 -6.40 -8.91 18.63
N THR C 164 -7.73 -8.97 18.69
CA THR C 164 -8.57 -8.15 17.84
C THR C 164 -9.27 -7.10 18.69
N LEU C 165 -9.14 -5.84 18.30
CA LEU C 165 -9.92 -4.75 18.86
C LEU C 165 -11.02 -4.42 17.86
N VAL C 166 -12.21 -4.96 18.11
CA VAL C 166 -13.34 -4.63 17.26
C VAL C 166 -13.77 -3.21 17.59
N ILE C 167 -13.53 -2.28 16.67
CA ILE C 167 -14.10 -0.94 16.76
C ILE C 167 -15.57 -1.05 16.36
N PRO C 168 -16.49 -0.98 17.31
CA PRO C 168 -17.90 -1.18 16.98
C PRO C 168 -18.45 0.03 16.25
N TRP C 169 -19.49 -0.21 15.47
CA TRP C 169 -20.17 0.88 14.78
C TRP C 169 -20.98 1.66 15.81
N ILE C 170 -20.37 2.71 16.34
CA ILE C 170 -21.02 3.60 17.29
C ILE C 170 -21.13 4.94 16.59
N SER C 171 -22.26 5.17 15.93
CA SER C 171 -22.47 6.38 15.16
C SER C 171 -23.89 6.86 15.35
N ASN C 172 -24.08 8.17 15.16
CA ASN C 172 -25.43 8.71 15.15
C ASN C 172 -26.11 8.45 13.82
N THR C 173 -25.36 8.56 12.73
CA THR C 173 -25.89 8.33 11.41
C THR C 173 -25.67 6.89 10.97
N HIS C 174 -26.52 6.43 10.05
CA HIS C 174 -26.36 5.10 9.50
C HIS C 174 -25.06 4.96 8.74
N PHE C 175 -24.59 6.03 8.13
CA PHE C 175 -23.32 6.04 7.41
C PHE C 175 -22.47 7.18 7.93
N ARG C 176 -21.17 7.05 7.72
CA ARG C 176 -20.20 8.08 8.04
C ARG C 176 -19.50 8.49 6.76
N ALA C 177 -19.36 9.80 6.57
CA ALA C 177 -18.59 10.28 5.43
C ALA C 177 -17.13 9.86 5.60
N VAL C 178 -16.56 9.33 4.52
CA VAL C 178 -15.12 9.03 4.50
C VAL C 178 -14.32 10.30 4.72
N LYS C 179 -14.80 11.43 4.19
CA LYS C 179 -14.15 12.71 4.41
C LYS C 179 -14.25 13.11 5.88
N THR C 180 -13.14 13.56 6.43
CA THR C 180 -13.07 14.02 7.81
C THR C 180 -12.41 15.38 7.85
N GLY C 181 -12.53 16.04 9.00
CA GLY C 181 -11.94 17.36 9.19
C GLY C 181 -12.92 18.47 8.94
N GLY C 182 -12.79 19.56 9.70
CA GLY C 182 -13.71 20.67 9.56
C GLY C 182 -15.06 20.35 10.16
N VAL C 183 -16.14 20.66 9.45
CA VAL C 183 -17.44 20.24 9.90
C VAL C 183 -17.61 18.73 9.73
N TYR C 184 -16.81 18.12 8.88
CA TYR C 184 -16.89 16.68 8.66
C TYR C 184 -16.27 15.88 9.81
N ASP C 185 -15.81 16.54 10.86
CA ASP C 185 -15.55 15.83 12.11
C ASP C 185 -16.82 15.47 12.83
N TYR C 186 -17.97 15.85 12.29
CA TYR C 186 -19.24 15.24 12.70
C TYR C 186 -19.20 13.73 12.52
N TYR C 187 -18.39 13.26 11.58
CA TYR C 187 -18.28 11.84 11.26
C TYR C 187 -17.01 11.21 11.82
N ALA C 188 -16.33 11.86 12.74
CA ALA C 188 -15.13 11.28 13.32
C ALA C 188 -15.49 10.02 14.08
N THR C 189 -14.81 8.92 13.73
CA THR C 189 -15.12 7.65 14.37
C THR C 189 -14.65 7.62 15.82
N GLY C 190 -13.44 8.06 16.06
CA GLY C 190 -12.90 8.11 17.40
C GLY C 190 -11.41 7.89 17.38
N ILE C 191 -10.87 7.62 18.56
CA ILE C 191 -9.44 7.43 18.76
C ILE C 191 -9.22 6.05 19.36
N VAL C 192 -8.14 5.40 18.97
CA VAL C 192 -7.69 4.16 19.58
C VAL C 192 -6.36 4.43 20.26
N THR C 193 -6.31 4.21 21.57
CA THR C 193 -5.11 4.40 22.35
C THR C 193 -4.66 3.07 22.93
N ILE C 194 -3.36 2.81 22.84
CA ILE C 194 -2.75 1.61 23.39
C ILE C 194 -2.03 2.00 24.67
N TRP C 195 -2.39 1.37 25.77
CA TRP C 195 -1.83 1.68 27.08
C TRP C 195 -1.12 0.47 27.63
N TYR C 196 -0.17 0.70 28.53
CA TYR C 196 0.45 -0.37 29.28
C TYR C 196 -0.45 -0.69 30.47
N GLN C 197 -1.14 -1.83 30.40
CA GLN C 197 -1.91 -2.29 31.54
C GLN C 197 -0.98 -2.72 32.66
N THR C 198 -0.04 -3.59 32.35
CA THR C 198 1.11 -3.90 33.17
C THR C 198 2.34 -3.49 32.38
N ASN C 199 3.51 -3.85 32.87
CA ASN C 199 4.73 -3.48 32.17
C ASN C 199 5.05 -4.48 31.07
N PHE C 200 6.08 -4.16 30.30
CA PHE C 200 6.69 -5.06 29.33
C PHE C 200 7.86 -5.72 30.05
N VAL C 201 7.65 -6.93 30.55
CA VAL C 201 8.57 -7.59 31.46
C VAL C 201 9.33 -8.67 30.70
N VAL C 202 10.65 -8.58 30.72
CA VAL C 202 11.51 -9.55 30.03
C VAL C 202 12.51 -10.10 31.04
N PRO C 203 12.99 -11.31 30.81
CA PRO C 203 14.07 -11.86 31.62
C PRO C 203 15.40 -11.22 31.24
N PRO C 204 16.48 -11.56 31.93
CA PRO C 204 17.79 -11.11 31.48
C PRO C 204 18.11 -11.64 30.10
N ASP C 205 19.01 -10.94 29.41
CA ASP C 205 19.51 -11.34 28.09
C ASP C 205 18.38 -11.41 27.05
N THR C 206 17.38 -10.55 27.20
CA THR C 206 16.22 -10.51 26.34
C THR C 206 15.98 -9.07 25.91
N PRO C 207 15.70 -8.83 24.63
CA PRO C 207 15.47 -7.45 24.17
C PRO C 207 14.36 -6.78 24.95
N THR C 208 14.62 -5.54 25.37
CA THR C 208 13.69 -4.80 26.20
C THR C 208 12.69 -3.98 25.39
N GLU C 209 12.91 -3.81 24.10
CA GLU C 209 11.97 -3.15 23.21
C GLU C 209 11.54 -4.13 22.13
N ALA C 210 10.27 -4.09 21.78
CA ALA C 210 9.71 -4.95 20.76
C ALA C 210 8.75 -4.12 19.92
N ASN C 211 7.94 -4.79 19.12
CA ASN C 211 7.04 -4.08 18.21
C ASN C 211 5.69 -4.77 18.17
N ILE C 212 4.64 -3.97 18.28
CA ILE C 212 3.30 -4.39 17.96
C ILE C 212 3.01 -4.00 16.52
N ILE C 213 2.52 -4.94 15.74
CA ILE C 213 2.10 -4.68 14.36
C ILE C 213 0.58 -4.68 14.34
N ALA C 214 0.00 -3.54 14.01
CA ALA C 214 -1.45 -3.40 13.93
C ALA C 214 -1.92 -3.78 12.55
N LEU C 215 -3.07 -4.44 12.49
CA LEU C 215 -3.66 -4.92 11.24
C LEU C 215 -5.10 -4.43 11.16
N GLY C 216 -5.35 -3.42 10.32
CA GLY C 216 -6.67 -2.85 10.20
C GLY C 216 -7.50 -3.56 9.13
N ALA C 217 -8.76 -3.79 9.45
CA ALA C 217 -9.67 -4.43 8.52
C ALA C 217 -11.08 -4.00 8.87
N ALA C 218 -12.02 -4.49 8.09
CA ALA C 218 -13.44 -4.24 8.27
C ALA C 218 -14.13 -5.49 8.79
N GLN C 219 -15.28 -5.30 9.41
CA GLN C 219 -16.06 -6.42 9.91
C GLN C 219 -17.02 -6.91 8.83
N LYS C 220 -17.77 -7.96 9.15
CA LYS C 220 -18.73 -8.51 8.20
C LYS C 220 -19.87 -7.55 7.91
N ASN C 221 -20.09 -6.54 8.75
CA ASN C 221 -21.17 -5.59 8.58
C ASN C 221 -20.70 -4.29 7.97
N PHE C 222 -19.55 -4.30 7.32
CA PHE C 222 -18.98 -3.11 6.72
C PHE C 222 -19.67 -2.81 5.39
N THR C 223 -19.86 -1.52 5.11
CA THR C 223 -20.56 -1.09 3.93
C THR C 223 -19.95 0.19 3.41
N LEU C 224 -20.02 0.37 2.09
CA LEU C 224 -19.50 1.55 1.41
C LEU C 224 -20.54 2.09 0.46
N LYS C 225 -20.60 3.42 0.34
CA LYS C 225 -21.62 4.08 -0.44
C LYS C 225 -21.02 5.19 -1.29
N LEU C 226 -21.66 5.44 -2.43
CA LEU C 226 -21.40 6.60 -3.27
C LEU C 226 -19.95 6.63 -3.77
N CYS C 227 -19.67 5.70 -4.67
CA CYS C 227 -18.42 5.66 -5.42
C CYS C 227 -17.94 7.06 -5.82
N LYS C 228 -16.68 7.34 -5.52
CA LYS C 228 -16.10 8.63 -5.83
C LYS C 228 -14.67 8.40 -6.31
N ASP C 229 -14.07 9.46 -6.82
CA ASP C 229 -12.66 9.41 -7.22
C ASP C 229 -11.78 9.58 -6.00
N THR C 230 -10.72 8.78 -5.92
CA THR C 230 -9.84 8.81 -4.77
C THR C 230 -8.85 9.95 -4.85
N ASP C 231 -8.36 10.37 -3.69
CA ASP C 231 -7.38 11.44 -3.58
C ASP C 231 -5.97 10.90 -3.39
N GLU C 232 -5.72 9.65 -3.77
CA GLU C 232 -4.47 9.00 -3.40
C GLU C 232 -3.31 9.44 -4.30
N ILE C 233 -3.41 9.16 -5.59
CA ILE C 233 -2.37 9.50 -6.55
C ILE C 233 -2.87 10.60 -7.46
N GLN C 234 -1.99 11.53 -7.78
CA GLN C 234 -2.30 12.64 -8.66
C GLN C 234 -1.56 12.46 -9.98
N GLN C 235 -1.80 13.37 -10.91
CA GLN C 235 -1.21 13.28 -12.24
C GLN C 235 -1.21 14.65 -12.88
N THR C 236 -0.09 15.01 -13.49
CA THR C 236 0.04 16.27 -14.19
C THR C 236 0.20 16.12 -15.70
N ALA C 237 0.65 14.96 -16.18
CA ALA C 237 0.80 14.73 -17.60
C ALA C 237 0.54 13.26 -17.88
N GLU C 238 0.14 12.97 -19.11
CA GLU C 238 -0.07 11.60 -19.53
C GLU C 238 1.23 10.80 -19.39
N TYR C 239 1.09 9.52 -19.05
CA TYR C 239 2.19 8.79 -18.46
C TYR C 239 3.27 8.37 -19.45
N GLN C 240 3.02 8.45 -20.75
CA GLN C 240 4.08 8.20 -21.71
C GLN C 240 4.15 9.31 -22.75
N THR D 24 -42.49 1.46 -11.18
CA THR D 24 -43.49 0.44 -11.46
C THR D 24 -43.00 -0.51 -12.54
N ILE D 25 -43.39 -0.23 -13.79
CA ILE D 25 -42.93 -1.00 -14.92
C ILE D 25 -41.46 -0.73 -15.16
N ASN D 26 -40.68 -1.80 -15.37
CA ASN D 26 -39.24 -1.71 -15.57
C ASN D 26 -38.90 -2.24 -16.96
N PHE D 27 -38.78 -1.34 -17.94
CA PHE D 27 -38.36 -1.71 -19.29
C PHE D 27 -36.88 -1.37 -19.43
N THR D 28 -36.04 -2.23 -18.88
CA THR D 28 -34.61 -2.04 -18.90
C THR D 28 -33.94 -3.38 -19.11
N ASN D 29 -32.61 -3.33 -19.27
CA ASN D 29 -31.79 -4.52 -19.50
C ASN D 29 -32.24 -5.25 -20.77
N ILE D 30 -32.50 -4.49 -21.82
CA ILE D 30 -32.89 -5.03 -23.11
C ILE D 30 -31.70 -4.86 -24.06
N ASN D 31 -31.25 -5.98 -24.63
CA ASN D 31 -30.16 -5.97 -25.60
C ASN D 31 -30.74 -5.79 -26.99
N TYR D 32 -30.39 -4.69 -27.65
CA TYR D 32 -30.93 -4.36 -28.96
C TYR D 32 -30.07 -4.87 -30.09
N TYR D 33 -29.00 -5.60 -29.80
CA TYR D 33 -28.05 -6.04 -30.79
C TYR D 33 -27.87 -7.54 -30.68
N LYS D 34 -27.40 -8.14 -31.77
CA LYS D 34 -27.27 -9.59 -31.84
C LYS D 34 -26.09 -10.11 -31.04
N ASP D 35 -25.19 -9.23 -30.60
CA ASP D 35 -24.02 -9.61 -29.85
C ASP D 35 -24.26 -9.39 -28.36
N SER D 36 -23.99 -10.41 -27.56
CA SER D 36 -24.32 -10.36 -26.14
C SER D 36 -23.52 -9.29 -25.41
N TYR D 37 -22.31 -8.98 -25.89
CA TYR D 37 -21.48 -8.00 -25.21
C TYR D 37 -21.95 -6.57 -25.44
N ALA D 38 -22.91 -6.35 -26.33
CA ALA D 38 -23.51 -5.03 -26.46
C ALA D 38 -24.42 -4.70 -25.29
N ALA D 39 -24.85 -5.70 -24.53
CA ALA D 39 -25.74 -5.49 -23.41
C ALA D 39 -25.09 -4.61 -22.35
N SER D 40 -25.92 -4.07 -21.47
CA SER D 40 -25.44 -3.24 -20.38
C SER D 40 -24.75 -4.11 -19.33
N ALA D 41 -24.28 -3.46 -18.27
CA ALA D 41 -23.50 -4.13 -17.25
C ALA D 41 -24.34 -5.18 -16.51
N SER D 42 -23.66 -6.20 -16.01
CA SER D 42 -24.30 -7.26 -15.24
C SER D 42 -24.33 -6.83 -13.78
N ARG D 43 -25.43 -6.21 -13.38
CA ARG D 43 -25.55 -5.61 -12.06
C ARG D 43 -26.67 -6.25 -11.25
N GLN D 44 -26.91 -7.55 -11.46
CA GLN D 44 -27.97 -8.26 -10.77
C GLN D 44 -27.50 -9.56 -10.17
N ASP D 45 -26.20 -9.77 -10.05
CA ASP D 45 -25.63 -11.01 -9.53
C ASP D 45 -24.55 -10.71 -8.51
N PHE D 46 -24.85 -9.81 -7.57
CA PHE D 46 -23.89 -9.47 -6.53
C PHE D 46 -23.59 -10.68 -5.67
N ALA D 47 -22.32 -11.08 -5.66
CA ALA D 47 -21.85 -12.19 -4.83
C ALA D 47 -20.76 -11.70 -3.90
N GLN D 48 -20.60 -12.41 -2.78
CA GLN D 48 -19.61 -12.06 -1.77
C GLN D 48 -19.05 -13.34 -1.18
N ASP D 49 -17.74 -13.51 -1.28
CA ASP D 49 -17.05 -14.68 -0.71
C ASP D 49 -15.69 -14.23 -0.19
N PRO D 50 -15.65 -13.64 1.00
CA PRO D 50 -14.37 -13.14 1.52
C PRO D 50 -13.45 -14.22 2.07
N ALA D 51 -13.91 -15.47 2.18
CA ALA D 51 -13.12 -16.49 2.85
C ALA D 51 -11.85 -16.84 2.08
N LYS D 52 -11.88 -16.70 0.76
CA LYS D 52 -10.68 -16.97 -0.02
C LYS D 52 -9.60 -15.92 0.18
N PHE D 53 -9.93 -14.80 0.82
CA PHE D 53 -8.96 -13.78 1.19
C PHE D 53 -8.82 -13.64 2.69
N THR D 54 -9.90 -13.80 3.44
CA THR D 54 -9.89 -13.59 4.88
C THR D 54 -9.47 -14.84 5.66
N ARG D 55 -9.92 -16.02 5.24
CA ARG D 55 -9.59 -17.28 5.92
C ARG D 55 -8.99 -18.28 4.94
N PRO D 56 -7.88 -17.95 4.29
CA PRO D 56 -7.31 -18.86 3.28
C PRO D 56 -6.39 -19.91 3.92
N VAL D 57 -6.93 -20.69 4.83
CA VAL D 57 -6.15 -21.59 5.67
C VAL D 57 -6.76 -22.98 5.63
N LEU D 58 -5.90 -23.99 5.65
CA LEU D 58 -6.37 -25.37 5.59
C LEU D 58 -7.20 -25.72 6.82
N ASP D 59 -6.72 -25.35 8.00
CA ASP D 59 -7.42 -25.65 9.24
C ASP D 59 -8.39 -24.53 9.56
N ALA D 60 -9.66 -24.87 9.67
CA ALA D 60 -10.66 -23.90 10.09
C ALA D 60 -10.51 -23.62 11.57
N ILE D 61 -10.42 -22.34 11.92
CA ILE D 61 -10.22 -21.92 13.29
C ILE D 61 -11.54 -21.36 13.80
N ARG D 62 -12.14 -22.04 14.76
CA ARG D 62 -13.33 -21.52 15.41
C ARG D 62 -13.00 -20.21 16.12
N GLU D 63 -13.93 -19.28 16.08
CA GLU D 63 -13.70 -17.96 16.67
C GLU D 63 -13.40 -18.06 18.16
N ALA D 64 -14.17 -18.88 18.88
CA ALA D 64 -13.97 -19.02 20.31
C ALA D 64 -12.67 -19.74 20.66
N ALA D 65 -12.08 -20.45 19.71
CA ALA D 65 -10.91 -21.28 20.00
C ALA D 65 -9.63 -20.46 19.93
N ALA D 66 -8.65 -20.85 20.73
CA ALA D 66 -7.31 -20.32 20.59
C ALA D 66 -6.68 -20.92 19.35
N PRO D 67 -6.26 -20.10 18.39
CA PRO D 67 -5.89 -20.62 17.07
C PRO D 67 -4.79 -21.66 17.08
N LEU D 68 -3.64 -21.33 17.65
CA LEU D 68 -2.49 -22.23 17.61
C LEU D 68 -2.42 -23.01 18.91
N GLN D 69 -2.77 -24.30 18.83
CA GLN D 69 -2.72 -25.19 19.98
C GLN D 69 -2.02 -26.49 19.63
N GLN E 1 21.42 3.30 24.45
CA GLN E 1 20.41 4.23 23.95
C GLN E 1 20.73 4.69 22.53
N VAL E 2 19.95 5.64 22.04
CA VAL E 2 20.16 6.18 20.69
C VAL E 2 21.23 7.26 20.76
N GLN E 3 22.47 6.87 20.48
CA GLN E 3 23.61 7.77 20.54
C GLN E 3 24.06 8.11 19.14
N LEU E 4 24.25 9.41 18.89
CA LEU E 4 24.79 9.90 17.62
C LEU E 4 26.14 10.54 17.91
N GLN E 5 27.22 9.87 17.51
CA GLN E 5 28.58 10.33 17.78
C GLN E 5 29.09 11.09 16.56
N GLN E 6 29.16 12.41 16.67
CA GLN E 6 29.66 13.22 15.58
C GLN E 6 31.18 13.25 15.61
N SER E 7 31.76 13.81 14.55
CA SER E 7 33.21 13.87 14.43
C SER E 7 33.80 14.93 15.36
N GLY E 8 35.11 14.92 15.49
CA GLY E 8 35.81 15.88 16.31
C GLY E 8 35.81 17.27 15.70
N ALA E 9 36.39 18.21 16.45
CA ALA E 9 36.46 19.59 15.99
C ALA E 9 37.28 19.69 14.71
N GLU E 10 37.00 20.73 13.92
CA GLU E 10 37.64 20.91 12.64
C GLU E 10 38.17 22.33 12.52
N LEU E 11 39.36 22.45 11.94
CA LEU E 11 39.98 23.74 11.66
C LEU E 11 40.53 23.66 10.24
N VAL E 12 39.81 24.22 9.28
CA VAL E 12 40.13 24.12 7.87
C VAL E 12 40.33 25.52 7.30
N LYS E 13 41.34 25.67 6.46
CA LYS E 13 41.58 26.93 5.81
C LYS E 13 40.43 27.27 4.86
N PRO E 14 40.14 28.56 4.68
CA PRO E 14 39.05 28.94 3.78
C PRO E 14 39.29 28.44 2.36
N GLY E 15 38.19 28.18 1.64
CA GLY E 15 38.29 27.65 0.30
C GLY E 15 38.61 26.16 0.26
N ALA E 16 38.06 25.38 1.18
CA ALA E 16 38.32 23.95 1.24
C ALA E 16 37.02 23.26 1.65
N SER E 17 37.13 21.98 2.02
CA SER E 17 35.96 21.21 2.42
C SER E 17 36.36 20.21 3.50
N VAL E 18 35.49 20.03 4.48
CA VAL E 18 35.71 19.09 5.57
C VAL E 18 34.55 18.09 5.59
N LYS E 19 34.87 16.84 5.90
CA LYS E 19 33.89 15.75 5.91
C LYS E 19 33.53 15.43 7.36
N LEU E 20 32.38 15.94 7.79
CA LEU E 20 31.90 15.70 9.16
C LEU E 20 31.19 14.36 9.23
N SER E 21 31.49 13.59 10.27
CA SER E 21 30.93 12.26 10.45
C SER E 21 29.85 12.27 11.52
N CYS E 22 28.98 11.25 11.46
CA CYS E 22 27.93 11.07 12.47
C CYS E 22 27.63 9.57 12.55
N LYS E 23 28.31 8.89 13.48
CA LYS E 23 28.16 7.45 13.63
C LYS E 23 26.94 7.18 14.50
N ALA E 24 25.82 6.87 13.87
CA ALA E 24 24.61 6.56 14.60
C ALA E 24 24.75 5.22 15.30
N SER E 25 24.05 5.09 16.43
CA SER E 25 24.05 3.84 17.19
C SER E 25 22.80 3.78 18.04
N GLY E 26 22.37 2.55 18.34
CA GLY E 26 21.20 2.33 19.17
C GLY E 26 19.89 2.18 18.44
N TYR E 27 19.90 2.26 17.11
CA TYR E 27 18.68 2.14 16.33
C TYR E 27 19.04 1.77 14.90
N THR E 28 18.01 1.40 14.13
CA THR E 28 18.19 1.06 12.73
C THR E 28 18.46 2.34 11.92
N PHE E 29 19.66 2.44 11.35
CA PHE E 29 20.07 3.67 10.70
C PHE E 29 19.22 3.96 9.46
N THR E 30 18.88 2.93 8.71
CA THR E 30 18.09 3.08 7.49
C THR E 30 16.61 3.32 7.75
N SER E 31 16.23 3.56 9.01
CA SER E 31 14.84 3.72 9.38
C SER E 31 14.45 5.14 9.78
N TYR E 32 15.40 6.06 9.84
CA TYR E 32 15.12 7.43 10.25
C TYR E 32 15.98 8.39 9.43
N TYR E 33 15.40 9.53 9.10
CA TYR E 33 16.15 10.58 8.41
C TYR E 33 17.24 11.13 9.32
N MET E 34 18.34 11.55 8.71
CA MET E 34 19.40 12.26 9.42
C MET E 34 19.36 13.72 9.01
N TYR E 35 19.25 14.61 10.00
CA TYR E 35 19.19 16.04 9.77
C TYR E 35 20.43 16.70 10.34
N TRP E 36 20.84 17.80 9.72
CA TRP E 36 22.00 18.57 10.15
C TRP E 36 21.56 19.99 10.46
N VAL E 37 21.99 20.51 11.61
CA VAL E 37 21.63 21.84 12.08
C VAL E 37 22.90 22.65 12.27
N LYS E 38 22.93 23.85 11.72
CA LYS E 38 24.07 24.76 11.83
C LYS E 38 23.76 25.86 12.84
N GLN E 39 24.73 26.14 13.70
CA GLN E 39 24.58 27.18 14.72
C GLN E 39 25.88 27.99 14.81
N ARG E 40 25.86 29.18 14.23
CA ARG E 40 26.96 30.11 14.45
C ARG E 40 26.93 30.56 15.91
N PRO E 41 28.08 30.67 16.58
CA PRO E 41 28.07 31.04 18.00
C PRO E 41 27.38 32.38 18.22
N GLY E 42 26.49 32.39 19.20
CA GLY E 42 25.65 33.55 19.45
C GLY E 42 24.37 33.56 18.65
N GLN E 43 24.45 33.23 17.37
CA GLN E 43 23.27 33.15 16.53
C GLN E 43 22.47 31.88 16.87
N GLY E 44 21.27 31.80 16.31
CA GLY E 44 20.38 30.69 16.57
C GLY E 44 20.77 29.46 15.76
N LEU E 45 19.84 28.50 15.74
CA LEU E 45 20.03 27.25 15.02
C LEU E 45 19.47 27.37 13.61
N GLU E 46 20.20 26.80 12.65
CA GLU E 46 19.81 26.83 11.24
C GLU E 46 19.81 25.40 10.70
N TRP E 47 18.71 25.01 10.07
CA TRP E 47 18.57 23.66 9.54
C TRP E 47 19.21 23.57 8.17
N ILE E 48 20.12 22.60 8.01
CA ILE E 48 20.85 22.46 6.76
C ILE E 48 20.07 21.61 5.77
N GLY E 49 19.79 20.36 6.14
CA GLY E 49 19.07 19.47 5.26
C GLY E 49 18.91 18.09 5.86
N GLU E 50 18.23 17.23 5.11
CA GLU E 50 17.96 15.86 5.53
C GLU E 50 18.58 14.89 4.55
N ILE E 51 18.65 13.63 4.96
CA ILE E 51 19.11 12.55 4.09
C ILE E 51 18.49 11.25 4.57
N ASN E 52 17.92 10.49 3.63
CA ASN E 52 17.31 9.21 3.94
C ASN E 52 18.34 8.11 3.73
N PRO E 53 18.73 7.38 4.77
CA PRO E 53 19.76 6.34 4.58
C PRO E 53 19.21 5.08 3.92
N SER E 54 18.39 5.25 2.89
CA SER E 54 17.94 4.14 2.06
C SER E 54 17.98 4.42 0.57
N ASN E 55 17.92 5.68 0.15
CA ASN E 55 18.00 6.03 -1.26
C ASN E 55 18.84 7.28 -1.52
N GLY E 56 19.46 7.87 -0.50
CA GLY E 56 20.22 9.07 -0.69
C GLY E 56 19.41 10.31 -0.96
N GLY E 57 18.10 10.27 -0.73
CA GLY E 57 17.27 11.43 -0.96
C GLY E 57 17.59 12.54 0.01
N THR E 58 18.04 13.69 -0.48
CA THR E 58 18.45 14.81 0.34
C THR E 58 17.62 16.04 -0.01
N ASN E 59 17.06 16.68 1.01
CA ASN E 59 16.30 17.92 0.85
C ASN E 59 16.94 18.97 1.73
N PHE E 60 17.64 19.92 1.10
CA PHE E 60 18.32 20.99 1.81
C PHE E 60 17.44 22.23 1.89
N ASN E 61 17.87 23.18 2.71
CA ASN E 61 17.26 24.50 2.72
C ASN E 61 17.73 25.30 1.50
N GLU E 62 16.99 26.36 1.19
CA GLU E 62 17.33 27.19 0.04
C GLU E 62 18.64 27.93 0.21
N LYS E 63 19.21 27.96 1.42
CA LYS E 63 20.47 28.64 1.68
C LYS E 63 21.62 27.66 1.90
N PHE E 64 21.40 26.37 1.66
CA PHE E 64 22.47 25.38 1.83
C PHE E 64 22.50 24.36 0.70
N LYS E 65 21.81 24.61 -0.41
CA LYS E 65 21.78 23.64 -1.50
C LYS E 65 23.17 23.47 -2.12
N SER E 66 23.81 24.59 -2.48
CA SER E 66 25.13 24.57 -3.11
C SER E 66 26.25 24.73 -2.10
N LYS E 67 25.99 24.48 -0.82
CA LYS E 67 26.98 24.63 0.23
C LYS E 67 27.15 23.39 1.11
N ALA E 68 26.34 22.35 0.92
CA ALA E 68 26.42 21.18 1.76
C ALA E 68 25.98 19.96 0.97
N THR E 69 26.78 18.89 1.06
CA THR E 69 26.51 17.63 0.40
C THR E 69 26.44 16.52 1.44
N LEU E 70 25.31 15.82 1.48
CA LEU E 70 25.08 14.78 2.47
C LEU E 70 25.20 13.41 1.83
N THR E 71 26.00 12.54 2.43
CA THR E 71 26.12 11.16 2.02
C THR E 71 25.86 10.26 3.21
N VAL E 72 25.80 8.95 2.96
CA VAL E 72 25.55 7.98 4.00
C VAL E 72 26.33 6.71 3.69
N ASP E 73 26.87 6.09 4.72
CA ASP E 73 27.49 4.77 4.64
C ASP E 73 26.60 3.81 5.41
N LYS E 74 25.68 3.15 4.69
CA LYS E 74 24.72 2.26 5.33
C LYS E 74 25.41 1.09 6.02
N SER E 75 26.52 0.59 5.43
CA SER E 75 27.25 -0.50 6.07
C SER E 75 27.91 -0.03 7.35
N SER E 76 28.47 1.17 7.35
CA SER E 76 29.11 1.74 8.53
C SER E 76 28.13 2.45 9.46
N SER E 77 26.85 2.54 9.07
CA SER E 77 25.82 3.21 9.86
C SER E 77 26.22 4.65 10.19
N THR E 78 26.86 5.30 9.22
CA THR E 78 27.42 6.64 9.42
C THR E 78 26.92 7.57 8.32
N ALA E 79 26.60 8.80 8.72
CA ALA E 79 26.24 9.86 7.80
C ALA E 79 27.40 10.84 7.68
N TYR E 80 27.40 11.60 6.58
CA TYR E 80 28.49 12.54 6.31
C TYR E 80 27.92 13.85 5.78
N MET E 81 28.65 14.92 6.05
CA MET E 81 28.32 16.25 5.52
C MET E 81 29.63 16.92 5.11
N GLN E 82 29.81 17.17 3.82
CA GLN E 82 31.02 17.79 3.29
C GLN E 82 30.66 19.17 2.78
N LEU E 83 30.89 20.18 3.63
CA LEU E 83 30.61 21.56 3.27
C LEU E 83 31.60 22.02 2.20
N SER E 84 31.07 22.42 1.05
CA SER E 84 31.88 22.88 -0.07
C SER E 84 31.95 24.41 -0.08
N SER E 85 33.04 24.93 -0.64
CA SER E 85 33.30 26.36 -0.72
C SER E 85 33.27 27.00 0.67
N LEU E 86 34.22 26.57 1.50
CA LEU E 86 34.27 27.05 2.88
C LEU E 86 34.51 28.55 2.91
N THR E 87 33.86 29.22 3.86
CA THR E 87 33.93 30.67 3.99
C THR E 87 34.02 30.98 5.48
N SER E 88 33.79 32.25 5.83
CA SER E 88 33.71 32.65 7.24
C SER E 88 32.31 32.49 7.79
N GLU E 89 31.29 32.75 6.97
CA GLU E 89 29.91 32.51 7.35
C GLU E 89 29.57 31.03 7.49
N ASP E 90 30.53 30.14 7.22
CA ASP E 90 30.33 28.70 7.34
C ASP E 90 31.18 28.10 8.45
N SER E 91 31.59 28.92 9.41
CA SER E 91 32.35 28.46 10.58
C SER E 91 31.40 28.49 11.77
N ALA E 92 30.97 27.31 12.21
CA ALA E 92 29.93 27.20 13.23
C ALA E 92 29.98 25.81 13.83
N VAL E 93 29.07 25.56 14.76
CA VAL E 93 28.90 24.23 15.35
C VAL E 93 27.84 23.49 14.56
N TYR E 94 28.09 22.22 14.28
CA TYR E 94 27.21 21.41 13.46
C TYR E 94 26.80 20.16 14.22
N TYR E 95 25.50 19.87 14.20
CA TYR E 95 24.95 18.69 14.84
C TYR E 95 24.27 17.80 13.80
N CYS E 96 24.13 16.53 14.13
CA CYS E 96 23.32 15.59 13.35
C CYS E 96 22.17 15.12 14.22
N THR E 97 20.95 15.35 13.75
CA THR E 97 19.75 15.12 14.54
C THR E 97 18.88 14.06 13.87
N ARG E 98 18.48 13.07 14.65
CA ARG E 98 17.45 12.10 14.28
C ARG E 98 16.20 12.39 15.09
N TYR E 99 15.04 12.35 14.44
CA TYR E 99 13.80 12.76 15.09
C TYR E 99 12.86 11.59 15.40
N GLY E 100 12.37 10.89 14.38
CA GLY E 100 11.43 9.81 14.62
C GLY E 100 10.30 10.22 15.54
N ASN E 101 10.29 9.66 16.76
CA ASN E 101 9.38 10.07 17.81
C ASN E 101 10.06 10.82 18.94
N TYR E 102 11.37 11.07 18.83
CA TYR E 102 12.12 11.75 19.88
C TYR E 102 13.39 12.30 19.26
N ALA E 103 13.54 13.63 19.30
CA ALA E 103 14.69 14.28 18.66
C ALA E 103 15.97 13.93 19.40
N TYR E 104 16.79 13.09 18.80
CA TYR E 104 18.11 12.74 19.32
C TYR E 104 19.16 13.59 18.60
N TRP E 105 20.00 14.25 19.38
CA TRP E 105 21.04 15.12 18.85
C TRP E 105 22.42 14.52 19.13
N GLY E 106 23.40 14.97 18.34
CA GLY E 106 24.77 14.60 18.55
C GLY E 106 25.42 15.49 19.59
N GLN E 107 26.76 15.51 19.59
CA GLN E 107 27.48 16.38 20.51
C GLN E 107 27.87 17.69 19.86
N GLY E 108 28.10 17.69 18.54
CA GLY E 108 28.48 18.90 17.86
C GLY E 108 29.84 18.82 17.20
N THR E 109 30.15 19.76 16.31
CA THR E 109 31.44 19.80 15.65
C THR E 109 31.81 21.25 15.38
N LEU E 110 32.86 21.73 16.03
CA LEU E 110 33.32 23.10 15.84
C LEU E 110 34.01 23.23 14.49
N VAL E 111 33.46 24.05 13.61
CA VAL E 111 34.06 24.29 12.30
C VAL E 111 34.17 25.79 12.06
N ASP F 1 7.25 27.98 2.57
CA ASP F 1 8.02 27.73 3.78
C ASP F 1 7.31 28.27 5.01
N ILE F 2 6.86 27.38 5.88
CA ILE F 2 6.16 27.77 7.10
C ILE F 2 7.18 28.38 8.06
N GLN F 3 7.16 29.69 8.22
CA GLN F 3 8.06 30.39 9.10
C GLN F 3 7.49 30.46 10.50
N MET F 4 8.37 30.71 11.48
CA MET F 4 7.99 30.76 12.88
C MET F 4 8.00 32.21 13.37
N THR F 5 7.34 32.43 14.50
CA THR F 5 7.28 33.74 15.13
C THR F 5 7.18 33.52 16.65
N GLN F 6 8.32 33.54 17.32
CA GLN F 6 8.37 33.40 18.77
C GLN F 6 8.10 34.76 19.40
N SER F 7 7.03 34.85 20.21
CA SER F 7 6.58 36.16 20.68
C SER F 7 7.54 36.78 21.68
N PRO F 8 7.83 36.17 22.84
CA PRO F 8 8.74 36.82 23.80
C PRO F 8 10.19 36.61 23.41
N ALA F 9 10.83 37.68 22.94
CA ALA F 9 12.23 37.60 22.51
C ALA F 9 13.20 37.55 23.68
N SER F 10 12.75 37.88 24.88
CA SER F 10 13.61 37.88 26.07
C SER F 10 12.72 37.96 27.29
N LEU F 11 13.22 37.42 28.40
CA LEU F 11 12.44 37.39 29.62
C LEU F 11 13.37 37.19 30.81
N SER F 12 13.00 37.78 31.94
CA SER F 12 13.79 37.65 33.17
C SER F 12 12.83 37.61 34.33
N VAL F 13 12.65 36.43 34.92
CA VAL F 13 11.77 36.23 36.06
C VAL F 13 12.58 35.61 37.20
N SER F 14 11.98 35.60 38.38
CA SER F 14 12.64 35.08 39.56
C SER F 14 12.26 33.61 39.78
N VAL F 15 13.03 32.95 40.65
CA VAL F 15 12.74 31.56 41.00
C VAL F 15 11.38 31.50 41.68
N GLY F 16 10.44 30.77 41.07
CA GLY F 16 9.10 30.61 41.57
C GLY F 16 8.03 31.12 40.63
N GLU F 17 8.36 32.13 39.81
CA GLU F 17 7.42 32.64 38.83
C GLU F 17 7.17 31.60 37.74
N THR F 18 6.21 31.91 36.87
CA THR F 18 5.83 31.03 35.77
C THR F 18 5.92 31.82 34.47
N VAL F 19 6.89 31.47 33.65
CA VAL F 19 7.08 32.09 32.34
C VAL F 19 6.41 31.20 31.29
N THR F 20 5.81 31.82 30.29
CA THR F 20 5.13 31.11 29.21
C THR F 20 5.60 31.67 27.88
N ILE F 21 6.39 30.89 27.15
CA ILE F 21 6.87 31.29 25.84
C ILE F 21 5.79 30.97 24.80
N THR F 22 5.79 31.71 23.70
CA THR F 22 4.82 31.53 22.63
C THR F 22 5.56 31.34 21.31
N CYS F 23 5.02 30.47 20.46
CA CYS F 23 5.65 30.12 19.18
C CYS F 23 4.55 29.96 18.14
N ARG F 24 4.27 31.05 17.42
CA ARG F 24 3.29 31.00 16.34
C ARG F 24 3.91 30.35 15.11
N ALA F 25 3.12 30.26 14.04
CA ALA F 25 3.58 29.65 12.80
C ALA F 25 2.81 30.24 11.64
N SER F 26 3.44 30.21 10.46
CA SER F 26 2.80 30.73 9.26
C SER F 26 1.54 29.94 8.92
N GLU F 27 1.65 28.61 8.94
CA GLU F 27 0.52 27.73 8.66
C GLU F 27 0.44 26.68 9.75
N ASN F 28 -0.63 25.88 9.68
CA ASN F 28 -0.82 24.81 10.65
C ASN F 28 0.28 23.77 10.49
N ILE F 29 1.09 23.60 11.54
CA ILE F 29 2.18 22.63 11.50
C ILE F 29 1.79 21.30 12.13
N TYR F 30 0.58 21.19 12.68
CA TYR F 30 0.02 19.94 13.17
C TYR F 30 0.89 19.33 14.28
N SER F 31 1.09 20.13 15.33
CA SER F 31 1.80 19.70 16.54
C SER F 31 3.23 19.28 16.28
N ASN F 32 3.78 19.60 15.12
CA ASN F 32 5.15 19.21 14.78
C ASN F 32 6.15 20.25 15.29
N LEU F 33 6.13 20.45 16.60
CA LEU F 33 6.97 21.43 17.26
C LEU F 33 7.81 20.77 18.35
N ALA F 34 9.05 21.22 18.48
CA ALA F 34 9.94 20.75 19.53
C ALA F 34 10.60 21.94 20.19
N TRP F 35 10.50 22.03 21.52
CA TRP F 35 11.12 23.08 22.29
C TRP F 35 12.47 22.60 22.82
N TYR F 36 13.49 23.43 22.65
CA TYR F 36 14.83 23.13 23.13
C TYR F 36 15.27 24.19 24.13
N GLN F 37 16.10 23.78 25.09
CA GLN F 37 16.69 24.67 26.08
C GLN F 37 18.21 24.59 25.90
N GLN F 38 18.77 25.60 25.25
CA GLN F 38 20.21 25.64 24.97
C GLN F 38 20.84 26.78 25.75
N LYS F 39 21.56 26.44 26.81
CA LYS F 39 22.40 27.41 27.49
C LYS F 39 23.75 27.48 26.79
N GLN F 40 24.20 28.71 26.48
CA GLN F 40 25.40 28.92 25.71
C GLN F 40 26.58 28.14 26.29
N GLY F 41 27.12 27.22 25.50
CA GLY F 41 28.21 26.38 25.95
C GLY F 41 27.89 24.90 25.83
N LYS F 42 26.64 24.53 26.10
CA LYS F 42 26.20 23.15 26.00
C LYS F 42 25.42 22.96 24.70
N SER F 43 25.01 21.71 24.45
CA SER F 43 24.28 21.32 23.26
C SER F 43 22.78 21.52 23.47
N PRO F 44 22.02 21.74 22.39
CA PRO F 44 20.57 21.93 22.53
C PRO F 44 19.90 20.68 23.09
N GLN F 45 19.28 20.84 24.26
CA GLN F 45 18.60 19.74 24.94
C GLN F 45 17.11 19.78 24.63
N LEU F 46 16.58 18.66 24.18
CA LEU F 46 15.16 18.57 23.87
C LEU F 46 14.33 18.60 25.15
N LEU F 47 13.26 19.40 25.14
CA LEU F 47 12.40 19.55 26.30
C LEU F 47 11.03 18.91 26.08
N VAL F 48 10.31 19.32 25.03
CA VAL F 48 9.02 18.73 24.71
C VAL F 48 8.97 18.48 23.20
N TYR F 49 8.68 17.23 22.84
CA TYR F 49 8.51 16.83 21.45
C TYR F 49 7.03 16.76 21.13
N ALA F 50 6.69 16.93 19.86
CA ALA F 50 5.31 16.90 19.38
C ALA F 50 4.43 17.92 20.10
N ALA F 51 5.05 18.97 20.66
CA ALA F 51 4.38 20.12 21.26
C ALA F 51 3.71 19.77 22.58
N THR F 52 3.65 18.50 22.93
CA THR F 52 3.07 18.09 24.21
C THR F 52 3.86 17.02 24.95
N ASN F 53 4.68 16.21 24.29
CA ASN F 53 5.32 15.06 24.91
C ASN F 53 6.58 15.52 25.63
N LEU F 54 6.55 15.48 26.96
CA LEU F 54 7.72 15.85 27.75
C LEU F 54 8.84 14.85 27.51
N ALA F 55 10.01 15.37 27.14
CA ALA F 55 11.15 14.51 26.86
C ALA F 55 11.60 13.77 28.12
N ASP F 56 12.45 12.76 27.92
CA ASP F 56 12.92 11.96 29.02
C ASP F 56 13.90 12.77 29.88
N GLY F 57 13.77 12.62 31.20
CA GLY F 57 14.62 13.32 32.14
C GLY F 57 14.23 14.76 32.40
N VAL F 58 13.40 15.35 31.56
CA VAL F 58 12.97 16.74 31.78
C VAL F 58 12.06 16.79 33.00
N PRO F 59 12.28 17.68 33.95
CA PRO F 59 11.44 17.72 35.15
C PRO F 59 10.00 18.06 34.82
N SER F 60 9.08 17.54 35.65
CA SER F 60 7.65 17.78 35.46
C SER F 60 7.28 19.25 35.57
N ARG F 61 8.20 20.11 35.98
CA ARG F 61 7.94 21.55 35.98
C ARG F 61 7.65 22.07 34.59
N PHE F 62 8.25 21.46 33.56
CA PHE F 62 8.03 21.89 32.20
C PHE F 62 6.76 21.28 31.65
N SER F 63 6.11 22.02 30.75
CA SER F 63 4.87 21.58 30.14
C SER F 63 4.72 22.27 28.79
N GLY F 64 4.44 21.49 27.75
CA GLY F 64 4.22 22.00 26.41
C GLY F 64 2.76 21.81 26.02
N SER F 65 2.20 22.83 25.38
CA SER F 65 0.81 22.79 24.97
C SER F 65 0.63 23.62 23.71
N GLY F 66 -0.48 23.37 23.02
CA GLY F 66 -0.79 24.09 21.81
C GLY F 66 -1.26 23.18 20.70
N SER F 67 -1.81 23.77 19.63
CA SER F 67 -2.32 22.98 18.52
C SER F 67 -2.48 23.88 17.31
N GLY F 68 -2.01 23.42 16.16
CA GLY F 68 -2.20 24.14 14.91
C GLY F 68 -1.18 25.22 14.66
N THR F 69 -1.58 26.47 14.89
CA THR F 69 -0.70 27.62 14.66
C THR F 69 0.02 28.08 15.92
N GLN F 70 -0.68 28.17 17.05
CA GLN F 70 -0.12 28.71 18.27
C GLN F 70 0.30 27.58 19.21
N TYR F 71 1.47 27.72 19.81
CA TYR F 71 1.97 26.77 20.78
C TYR F 71 2.62 27.52 21.92
N SER F 72 2.59 26.93 23.11
CA SER F 72 3.08 27.59 24.31
C SER F 72 3.83 26.61 25.19
N LEU F 73 5.00 27.02 25.66
CA LEU F 73 5.79 26.26 26.63
C LEU F 73 5.74 26.98 27.96
N LYS F 74 5.36 26.25 29.01
CA LYS F 74 5.19 26.81 30.34
C LYS F 74 6.19 26.17 31.30
N ILE F 75 6.80 26.99 32.14
CA ILE F 75 7.75 26.53 33.14
C ILE F 75 7.18 26.94 34.50
N ASN F 76 6.41 26.05 35.11
CA ASN F 76 5.87 26.30 36.44
C ASN F 76 6.91 25.92 37.48
N SER F 77 6.96 26.69 38.57
CA SER F 77 7.96 26.53 39.63
C SER F 77 9.38 26.60 39.04
N LEU F 78 9.70 27.79 38.56
CA LEU F 78 10.91 28.03 37.79
C LEU F 78 12.12 27.87 38.70
N GLN F 79 12.78 26.71 38.62
CA GLN F 79 13.92 26.40 39.47
C GLN F 79 15.16 27.11 38.94
N SER F 80 16.33 26.77 39.50
CA SER F 80 17.54 27.52 39.22
C SER F 80 18.09 27.21 37.82
N GLU F 81 18.21 25.92 37.50
CA GLU F 81 18.83 25.50 36.24
C GLU F 81 17.97 25.78 35.01
N ASP F 82 16.86 26.51 35.12
CA ASP F 82 15.96 26.74 34.01
C ASP F 82 16.31 27.99 33.20
N PHE F 83 17.57 28.43 33.26
CA PHE F 83 17.99 29.59 32.48
C PHE F 83 18.48 29.13 31.10
N GLY F 84 18.92 30.09 30.30
CA GLY F 84 19.44 29.80 28.98
C GLY F 84 18.51 30.33 27.89
N SER F 85 18.76 29.86 26.68
CA SER F 85 17.96 30.22 25.52
C SER F 85 16.98 29.10 25.20
N TYR F 86 15.76 29.48 24.81
CA TYR F 86 14.68 28.54 24.55
C TYR F 86 14.24 28.70 23.10
N TYR F 87 14.47 27.67 22.29
CA TYR F 87 14.11 27.68 20.87
C TYR F 87 12.98 26.70 20.62
N CYS F 88 11.93 27.16 19.94
CA CYS F 88 10.98 26.24 19.35
C CYS F 88 11.42 25.89 17.94
N GLN F 89 10.94 24.76 17.45
CA GLN F 89 11.37 24.27 16.14
C GLN F 89 10.26 23.43 15.52
N HIS F 90 9.77 23.88 14.38
CA HIS F 90 8.78 23.11 13.63
C HIS F 90 9.50 22.13 12.71
N PHE F 91 8.95 20.92 12.62
CA PHE F 91 9.50 19.87 11.76
C PHE F 91 8.40 19.28 10.90
N TRP F 92 7.62 20.16 10.27
CA TRP F 92 6.48 19.72 9.47
C TRP F 92 6.89 19.37 8.05
N GLY F 93 7.54 20.30 7.35
CA GLY F 93 7.79 20.10 5.94
C GLY F 93 9.23 20.31 5.49
N THR F 94 9.40 21.12 4.43
CA THR F 94 10.73 21.27 3.83
C THR F 94 11.65 22.17 4.64
N PRO F 95 11.29 23.41 4.97
CA PRO F 95 12.31 24.33 5.51
C PRO F 95 12.83 23.94 6.89
N TRP F 96 11.98 23.39 7.75
CA TRP F 96 12.32 23.11 9.15
C TRP F 96 12.84 24.39 9.83
N THR F 97 11.97 25.39 9.88
CA THR F 97 12.34 26.67 10.46
C THR F 97 12.40 26.56 11.98
N PHE F 98 13.55 26.88 12.55
CA PHE F 98 13.69 26.98 13.99
C PHE F 98 13.04 28.26 14.51
N GLY F 99 13.01 28.41 15.82
CA GLY F 99 12.49 29.63 16.40
C GLY F 99 13.54 30.71 16.50
N GLY F 100 13.06 31.95 16.72
CA GLY F 100 13.98 33.06 16.87
C GLY F 100 14.84 32.94 18.12
N GLY F 101 14.26 32.47 19.22
CA GLY F 101 14.99 32.35 20.47
C GLY F 101 14.36 33.16 21.58
N THR F 102 14.56 32.73 22.83
CA THR F 102 14.03 33.44 23.99
C THR F 102 15.06 33.35 25.10
N LYS F 103 15.59 34.50 25.51
CA LYS F 103 16.62 34.54 26.52
C LYS F 103 15.98 34.48 27.91
N LEU F 104 16.28 33.42 28.65
CA LEU F 104 15.77 33.27 30.01
C LEU F 104 16.61 32.28 30.81
C1 STE G . -2.09 -2.08 -21.28
O1 STE G . -1.38 -3.10 -21.53
O2 STE G . -1.61 -0.92 -21.07
C2 STE G . -3.61 -2.25 -21.21
C3 STE G . -4.30 -2.43 -22.55
C4 STE G . -5.49 -3.37 -22.52
C5 STE G . -6.81 -2.71 -22.71
C6 STE G . -7.79 -3.51 -23.54
C7 STE G . -9.22 -3.03 -23.46
C8 STE G . -9.65 -2.20 -24.61
C9 STE G . -9.68 -2.94 -25.91
C10 STE G . -9.37 -2.08 -27.09
C11 STE G . -10.51 -1.21 -27.53
C12 STE G . -10.77 -1.06 -29.00
C13 STE G . -11.53 0.20 -29.30
C14 STE G . -11.28 0.83 -30.64
C15 STE G . -12.24 1.96 -30.98
C16 STE G . -13.47 1.54 -31.79
C17 STE G . -13.92 2.48 -32.89
C18 STE G . -14.80 1.77 -33.89
#